data_1AHL
#
_entry.id   1AHL
#
_cell.length_a   1.000
_cell.length_b   1.000
_cell.length_c   1.000
_cell.angle_alpha   90.00
_cell.angle_beta   90.00
_cell.angle_gamma   90.00
#
_symmetry.space_group_name_H-M   'P 1'
#
_entity_poly.entity_id   1
_entity_poly.type   'polypeptide(L)'
_entity_poly.pdbx_seq_one_letter_code
;GVSCLCDSDGPSVRGNTLSGTLWLYPSGCPSGWHNCKAHGPTIGWCCKQ
;
_entity_poly.pdbx_strand_id   A
#
# COMPACT_ATOMS: atom_id res chain seq x y z
N GLY A 1 8.85 8.10 4.14
CA GLY A 1 7.80 7.81 3.12
C GLY A 1 6.54 7.45 3.88
N VAL A 2 5.46 7.21 3.20
CA VAL A 2 4.18 6.86 3.88
C VAL A 2 3.77 5.42 3.50
N SER A 3 3.77 4.60 4.51
CA SER A 3 3.40 3.16 4.37
C SER A 3 1.91 2.96 4.64
N CYS A 4 1.45 1.78 4.32
CA CYS A 4 0.02 1.40 4.52
C CYS A 4 -0.06 -0.11 4.46
N LEU A 5 -1.10 -0.62 5.06
CA LEU A 5 -1.32 -2.08 5.09
C LEU A 5 -1.50 -2.67 3.71
N CYS A 6 -0.73 -3.68 3.42
CA CYS A 6 -0.83 -4.36 2.09
C CYS A 6 -1.80 -5.54 2.28
N ASP A 7 -2.14 -6.20 1.21
CA ASP A 7 -3.06 -7.37 1.28
C ASP A 7 -2.46 -8.48 2.17
N SER A 8 -1.19 -8.31 2.43
CA SER A 8 -0.42 -9.27 3.28
C SER A 8 -0.33 -8.75 4.72
N ASP A 9 -0.91 -7.62 5.03
CA ASP A 9 -0.85 -7.09 6.43
C ASP A 9 -2.21 -7.29 7.07
N GLY A 10 -2.22 -7.27 8.38
CA GLY A 10 -3.47 -7.45 9.14
C GLY A 10 -3.25 -8.60 10.11
N PRO A 11 -3.21 -9.82 9.62
CA PRO A 11 -2.98 -11.01 10.48
C PRO A 11 -1.53 -11.08 10.97
N SER A 12 -1.31 -11.93 11.94
CA SER A 12 0.07 -12.05 12.48
C SER A 12 0.82 -13.11 11.68
N VAL A 13 1.45 -12.55 10.69
CA VAL A 13 2.28 -13.30 9.71
C VAL A 13 3.62 -12.59 9.52
N ARG A 14 4.59 -13.33 9.06
CA ARG A 14 5.94 -12.72 8.84
C ARG A 14 5.84 -11.52 7.87
N GLY A 15 6.49 -10.46 8.23
CA GLY A 15 6.51 -9.21 7.41
C GLY A 15 5.48 -8.19 7.91
N ASN A 16 4.82 -8.59 8.97
CA ASN A 16 3.78 -7.73 9.59
C ASN A 16 4.25 -6.31 9.89
N THR A 17 3.24 -5.50 10.06
CA THR A 17 3.26 -4.03 10.35
C THR A 17 2.86 -3.43 8.98
N LEU A 18 2.68 -2.15 8.86
CA LEU A 18 2.27 -1.64 7.51
C LEU A 18 3.56 -1.38 6.72
N SER A 19 3.94 -2.42 6.07
CA SER A 19 5.20 -2.39 5.24
C SER A 19 5.06 -1.92 3.78
N GLY A 20 3.88 -1.63 3.28
CA GLY A 20 3.80 -1.17 1.86
C GLY A 20 4.07 0.35 1.79
N THR A 21 3.65 0.98 0.72
CA THR A 21 3.84 2.43 0.56
C THR A 21 2.66 2.87 -0.27
N LEU A 22 2.11 3.93 0.19
CA LEU A 22 0.95 4.53 -0.46
C LEU A 22 1.44 5.61 -1.43
N TRP A 23 0.73 5.65 -2.51
CA TRP A 23 1.00 6.59 -3.61
C TRP A 23 -0.26 7.43 -3.75
N LEU A 24 -0.04 8.71 -3.85
CA LEU A 24 -1.18 9.68 -3.98
C LEU A 24 -1.50 9.85 -5.48
N TYR A 25 -0.57 9.31 -6.21
CA TYR A 25 -0.61 9.33 -7.69
C TYR A 25 -1.91 8.69 -8.19
N PRO A 26 -2.45 9.20 -9.27
CA PRO A 26 -3.86 8.89 -9.68
C PRO A 26 -4.07 7.43 -10.05
N SER A 27 -2.98 6.72 -10.10
CA SER A 27 -3.01 5.28 -10.45
C SER A 27 -2.17 4.45 -9.48
N GLY A 28 -1.89 5.07 -8.37
CA GLY A 28 -1.08 4.41 -7.32
C GLY A 28 0.34 4.09 -7.68
N CYS A 29 0.53 2.82 -7.76
CA CYS A 29 1.84 2.26 -8.08
C CYS A 29 2.57 2.92 -9.29
N PRO A 30 3.70 3.52 -9.02
CA PRO A 30 4.56 4.09 -10.06
C PRO A 30 5.41 2.98 -10.69
N SER A 31 5.75 3.22 -11.91
CA SER A 31 6.56 2.31 -12.71
C SER A 31 7.92 2.23 -12.04
N GLY A 32 8.09 1.08 -11.48
CA GLY A 32 9.32 0.74 -10.74
C GLY A 32 8.86 0.10 -9.44
N TRP A 33 7.55 0.04 -9.25
CA TRP A 33 7.00 -0.58 -8.03
C TRP A 33 6.35 -1.89 -8.48
N HIS A 34 5.37 -2.35 -7.75
CA HIS A 34 4.69 -3.62 -8.11
C HIS A 34 3.16 -3.62 -7.97
N ASN A 35 2.76 -3.47 -6.75
CA ASN A 35 1.34 -3.42 -6.24
C ASN A 35 1.24 -4.25 -4.96
N CYS A 36 0.41 -3.89 -4.04
CA CYS A 36 0.30 -4.72 -2.79
C CYS A 36 -1.11 -4.61 -2.21
N LYS A 37 -1.93 -3.82 -2.83
CA LYS A 37 -3.32 -3.62 -2.38
C LYS A 37 -4.23 -3.56 -3.59
N ALA A 38 -4.98 -4.61 -3.77
CA ALA A 38 -5.93 -4.64 -4.94
C ALA A 38 -7.08 -3.64 -4.76
N HIS A 39 -7.21 -3.18 -3.56
CA HIS A 39 -8.30 -2.20 -3.22
C HIS A 39 -7.90 -1.06 -2.27
N GLY A 40 -8.43 -1.04 -1.07
CA GLY A 40 -8.11 0.04 -0.06
C GLY A 40 -6.68 0.63 -0.12
N PRO A 41 -6.55 1.95 -0.14
CA PRO A 41 -7.63 2.98 0.01
C PRO A 41 -8.66 3.17 -1.13
N THR A 42 -9.48 4.17 -1.00
CA THR A 42 -10.53 4.48 -2.03
C THR A 42 -10.31 5.93 -2.53
N ILE A 43 -9.13 6.43 -2.28
CA ILE A 43 -8.76 7.83 -2.69
C ILE A 43 -7.39 7.73 -3.38
N GLY A 44 -6.37 7.56 -2.57
CA GLY A 44 -4.98 7.43 -3.14
C GLY A 44 -4.81 5.94 -3.35
N TRP A 45 -3.61 5.42 -3.36
CA TRP A 45 -3.46 3.94 -3.57
C TRP A 45 -2.34 3.41 -2.67
N CYS A 46 -2.30 2.11 -2.59
CA CYS A 46 -1.29 1.39 -1.77
C CYS A 46 -0.55 0.39 -2.66
N CYS A 47 0.76 0.45 -2.62
CA CYS A 47 1.60 -0.47 -3.43
C CYS A 47 2.84 -0.80 -2.62
N LYS A 48 3.78 -1.41 -3.27
CA LYS A 48 5.08 -1.81 -2.66
C LYS A 48 5.98 -1.74 -3.87
N GLN A 49 7.25 -1.57 -3.66
CA GLN A 49 8.14 -1.50 -4.81
C GLN A 49 8.26 -2.87 -5.52
N GLY A 1 7.40 7.63 0.97
CA GLY A 1 5.98 7.62 0.51
C GLY A 1 5.14 7.48 1.77
N VAL A 2 3.85 7.32 1.64
CA VAL A 2 2.99 7.19 2.85
C VAL A 2 2.97 5.68 3.11
N SER A 3 2.80 5.24 4.31
CA SER A 3 2.78 3.76 4.58
C SER A 3 1.44 3.14 4.23
N CYS A 4 1.43 1.84 4.16
CA CYS A 4 0.17 1.13 3.84
C CYS A 4 0.33 -0.32 4.24
N LEU A 5 -0.74 -0.87 4.71
CA LEU A 5 -0.79 -2.26 5.13
C LEU A 5 -1.21 -2.99 3.85
N CYS A 6 -0.34 -3.82 3.35
CA CYS A 6 -0.68 -4.57 2.11
C CYS A 6 -1.37 -5.83 2.61
N ASP A 7 -2.19 -6.44 1.78
CA ASP A 7 -2.89 -7.67 2.25
C ASP A 7 -1.89 -8.77 2.61
N SER A 8 -0.69 -8.59 2.13
CA SER A 8 0.40 -9.58 2.41
C SER A 8 1.17 -9.23 3.70
N ASP A 9 0.78 -8.14 4.34
CA ASP A 9 1.44 -7.70 5.60
C ASP A 9 0.70 -8.36 6.75
N GLY A 10 1.20 -9.50 7.13
CA GLY A 10 0.59 -10.28 8.27
C GLY A 10 0.45 -9.42 9.53
N PRO A 11 -0.75 -9.28 10.07
CA PRO A 11 -1.02 -8.33 11.18
C PRO A 11 -0.32 -8.65 12.51
N SER A 12 -0.35 -7.67 13.37
CA SER A 12 0.28 -7.77 14.72
C SER A 12 -0.54 -6.87 15.65
N VAL A 13 -0.14 -6.75 16.90
CA VAL A 13 -0.89 -5.87 17.85
C VAL A 13 -0.36 -4.44 17.75
N ARG A 14 -0.55 -3.67 18.79
CA ARG A 14 -0.06 -2.27 18.76
C ARG A 14 1.45 -2.26 18.60
N GLY A 15 1.89 -1.46 17.67
CA GLY A 15 3.36 -1.33 17.37
C GLY A 15 3.64 -2.00 16.04
N ASN A 16 2.65 -1.98 15.19
CA ASN A 16 2.76 -2.59 13.84
C ASN A 16 3.72 -1.82 12.93
N THR A 17 3.93 -2.41 11.79
CA THR A 17 4.81 -1.90 10.72
C THR A 17 3.95 -1.78 9.42
N LEU A 18 4.54 -1.39 8.31
CA LEU A 18 3.80 -1.25 7.02
C LEU A 18 4.74 -1.58 5.86
N SER A 19 4.45 -2.62 5.15
CA SER A 19 5.35 -2.97 4.00
C SER A 19 4.87 -2.15 2.82
N GLY A 20 3.58 -1.94 2.79
CA GLY A 20 2.97 -1.16 1.72
C GLY A 20 3.27 0.29 1.91
N THR A 21 3.12 0.96 0.84
CA THR A 21 3.35 2.39 0.78
C THR A 21 2.24 2.81 -0.15
N LEU A 22 1.66 3.87 0.22
CA LEU A 22 0.54 4.45 -0.57
C LEU A 22 1.09 5.59 -1.40
N TRP A 23 0.56 5.63 -2.58
CA TRP A 23 0.94 6.64 -3.58
C TRP A 23 -0.27 7.52 -3.85
N LEU A 24 0.01 8.80 -3.81
CA LEU A 24 -1.03 9.85 -4.04
C LEU A 24 -1.08 10.14 -5.53
N TYR A 25 -0.07 9.63 -6.16
CA TYR A 25 0.08 9.79 -7.64
C TYR A 25 -1.19 9.19 -8.24
N PRO A 26 -1.75 9.80 -9.25
CA PRO A 26 -3.14 9.50 -9.66
C PRO A 26 -3.35 8.08 -10.17
N SER A 27 -2.26 7.39 -10.32
CA SER A 27 -2.29 5.99 -10.82
C SER A 27 -1.65 5.04 -9.81
N GLY A 28 -1.44 5.56 -8.64
CA GLY A 28 -0.83 4.78 -7.55
C GLY A 28 0.61 4.38 -7.72
N CYS A 29 0.74 3.09 -7.74
CA CYS A 29 2.04 2.41 -7.89
C CYS A 29 2.92 3.00 -9.01
N PRO A 30 3.96 3.72 -8.64
CA PRO A 30 4.87 4.36 -9.60
C PRO A 30 5.80 3.29 -10.17
N SER A 31 5.86 3.32 -11.47
CA SER A 31 6.70 2.38 -12.26
C SER A 31 8.04 2.26 -11.53
N GLY A 32 8.17 1.09 -11.01
CA GLY A 32 9.35 0.67 -10.23
C GLY A 32 8.78 -0.02 -9.00
N TRP A 33 7.47 0.08 -8.86
CA TRP A 33 6.74 -0.52 -7.76
C TRP A 33 6.03 -1.72 -8.37
N HIS A 34 5.13 -2.26 -7.62
CA HIS A 34 4.35 -3.45 -8.05
C HIS A 34 2.84 -3.37 -7.76
N ASN A 35 2.35 -4.22 -6.90
CA ASN A 35 0.90 -4.21 -6.56
C ASN A 35 0.55 -5.18 -5.44
N CYS A 36 -0.24 -4.73 -4.50
CA CYS A 36 -0.61 -5.66 -3.38
C CYS A 36 -2.07 -5.44 -2.99
N LYS A 37 -2.38 -4.21 -2.74
CA LYS A 37 -3.75 -3.82 -2.34
C LYS A 37 -4.64 -3.53 -3.53
N ALA A 38 -4.90 -4.53 -4.31
CA ALA A 38 -5.79 -4.30 -5.50
C ALA A 38 -7.20 -3.86 -5.05
N HIS A 39 -7.39 -3.85 -3.75
CA HIS A 39 -8.69 -3.46 -3.15
C HIS A 39 -8.75 -2.01 -2.66
N GLY A 40 -7.63 -1.33 -2.52
CA GLY A 40 -7.67 0.08 -2.04
C GLY A 40 -6.59 0.40 -1.00
N PRO A 41 -6.72 1.52 -0.32
CA PRO A 41 -7.99 2.26 -0.05
C PRO A 41 -8.57 3.02 -1.25
N THR A 42 -9.66 3.67 -0.97
CA THR A 42 -10.41 4.49 -1.97
C THR A 42 -9.92 5.95 -2.00
N ILE A 43 -8.81 6.18 -1.37
CA ILE A 43 -8.19 7.54 -1.30
C ILE A 43 -6.68 7.31 -1.50
N GLY A 44 -6.25 7.58 -2.70
CA GLY A 44 -4.80 7.39 -3.03
C GLY A 44 -4.71 5.90 -3.40
N TRP A 45 -3.54 5.37 -3.59
CA TRP A 45 -3.44 3.91 -3.95
C TRP A 45 -2.50 3.24 -2.96
N CYS A 46 -2.70 1.98 -2.68
CA CYS A 46 -1.78 1.31 -1.73
C CYS A 46 -1.00 0.33 -2.56
N CYS A 47 0.29 0.38 -2.43
CA CYS A 47 1.10 -0.57 -3.25
C CYS A 47 2.37 -0.90 -2.52
N LYS A 48 3.26 -1.52 -3.24
CA LYS A 48 4.57 -1.92 -2.64
C LYS A 48 5.60 -1.91 -3.75
N GLN A 49 6.85 -1.87 -3.37
CA GLN A 49 7.92 -1.88 -4.32
C GLN A 49 8.26 -3.36 -4.63
N GLY A 1 5.64 11.02 1.65
CA GLY A 1 4.94 9.80 1.12
C GLY A 1 4.19 9.21 2.31
N VAL A 2 3.48 8.12 2.12
CA VAL A 2 2.72 7.47 3.23
C VAL A 2 2.86 5.93 3.09
N SER A 3 2.91 5.34 4.25
CA SER A 3 3.05 3.87 4.47
C SER A 3 1.68 3.14 4.36
N CYS A 4 1.70 1.84 4.14
CA CYS A 4 0.41 1.07 4.04
C CYS A 4 0.70 -0.45 4.20
N LEU A 5 -0.17 -1.20 4.83
CA LEU A 5 0.07 -2.67 4.99
C LEU A 5 -0.17 -3.35 3.62
N CYS A 6 0.08 -4.63 3.61
CA CYS A 6 -0.10 -5.47 2.38
C CYS A 6 -1.11 -6.60 2.70
N ASP A 7 -1.97 -6.87 1.76
CA ASP A 7 -3.02 -7.94 1.94
C ASP A 7 -2.57 -9.36 2.31
N SER A 8 -1.29 -9.57 2.40
CA SER A 8 -0.80 -10.94 2.77
C SER A 8 -0.19 -10.94 4.17
N ASP A 9 -0.06 -9.78 4.77
CA ASP A 9 0.53 -9.67 6.14
C ASP A 9 -0.58 -9.29 7.11
N GLY A 10 -0.89 -10.16 8.02
CA GLY A 10 -1.97 -9.86 9.01
C GLY A 10 -1.44 -9.92 10.44
N PRO A 11 -0.48 -9.08 10.77
CA PRO A 11 0.02 -8.97 12.16
C PRO A 11 -1.07 -8.36 13.06
N SER A 12 -1.06 -8.72 14.31
CA SER A 12 -2.09 -8.16 15.23
C SER A 12 -1.65 -6.85 15.86
N VAL A 13 -2.20 -5.83 15.29
CA VAL A 13 -1.95 -4.41 15.69
C VAL A 13 -2.80 -3.52 14.75
N ARG A 14 -2.85 -2.25 15.05
CA ARG A 14 -3.62 -1.27 14.24
C ARG A 14 -2.97 0.08 14.57
N GLY A 15 -3.26 1.10 13.81
CA GLY A 15 -2.65 2.44 14.08
C GLY A 15 -1.20 2.53 13.61
N ASN A 16 -0.52 1.43 13.69
CA ASN A 16 0.90 1.35 13.28
C ASN A 16 1.08 0.01 12.56
N THR A 17 2.21 -0.11 11.90
CA THR A 17 2.63 -1.33 11.11
C THR A 17 2.19 -1.25 9.64
N LEU A 18 3.13 -1.45 8.76
CA LEU A 18 2.88 -1.42 7.29
C LEU A 18 3.90 -2.37 6.67
N SER A 19 3.60 -2.82 5.48
CA SER A 19 4.53 -3.75 4.76
C SER A 19 4.54 -3.40 3.28
N GLY A 20 3.79 -2.35 3.00
CA GLY A 20 3.65 -1.81 1.62
C GLY A 20 3.73 -0.26 1.73
N THR A 21 3.33 0.48 0.73
CA THR A 21 3.40 1.95 0.78
C THR A 21 2.26 2.41 -0.10
N LEU A 22 1.89 3.62 0.14
CA LEU A 22 0.79 4.26 -0.61
C LEU A 22 1.31 5.44 -1.44
N TRP A 23 0.66 5.57 -2.55
CA TRP A 23 0.96 6.61 -3.56
C TRP A 23 -0.27 7.50 -3.76
N LEU A 24 0.00 8.78 -3.75
CA LEU A 24 -1.06 9.83 -3.93
C LEU A 24 -1.26 10.12 -5.41
N TYR A 25 -0.27 9.65 -6.11
CA TYR A 25 -0.23 9.81 -7.59
C TYR A 25 -1.50 9.14 -8.11
N PRO A 26 -2.10 9.69 -9.15
CA PRO A 26 -3.49 9.34 -9.49
C PRO A 26 -3.65 7.90 -9.94
N SER A 27 -2.54 7.38 -10.33
CA SER A 27 -2.45 5.97 -10.82
C SER A 27 -1.77 5.09 -9.78
N GLY A 28 -1.52 5.69 -8.66
CA GLY A 28 -0.87 4.95 -7.56
C GLY A 28 0.57 4.60 -7.83
N CYS A 29 0.71 3.31 -7.92
CA CYS A 29 1.98 2.63 -8.16
C CYS A 29 2.81 3.36 -9.29
N PRO A 30 3.87 4.01 -8.90
CA PRO A 30 4.78 4.66 -9.85
C PRO A 30 5.58 3.54 -10.52
N SER A 31 5.59 3.64 -11.80
CA SER A 31 6.30 2.68 -12.69
C SER A 31 7.69 2.43 -12.14
N GLY A 32 7.74 1.29 -11.51
CA GLY A 32 8.95 0.77 -10.85
C GLY A 32 8.44 0.08 -9.59
N TRP A 33 7.14 0.20 -9.35
CA TRP A 33 6.50 -0.42 -8.18
C TRP A 33 5.74 -1.63 -8.75
N HIS A 34 4.92 -2.19 -7.92
CA HIS A 34 4.10 -3.39 -8.28
C HIS A 34 2.65 -3.49 -7.81
N ASN A 35 2.52 -3.70 -6.53
CA ASN A 35 1.22 -3.85 -5.78
C ASN A 35 1.34 -4.63 -4.47
N CYS A 36 0.62 -4.16 -3.48
CA CYS A 36 0.60 -4.81 -2.11
C CYS A 36 -0.81 -4.79 -1.53
N LYS A 37 -1.69 -4.11 -2.20
CA LYS A 37 -3.09 -4.01 -1.73
C LYS A 37 -4.02 -4.23 -2.91
N ALA A 38 -4.66 -5.37 -2.89
CA ALA A 38 -5.62 -5.75 -3.97
C ALA A 38 -6.95 -5.01 -3.75
N HIS A 39 -6.88 -3.83 -3.20
CA HIS A 39 -8.09 -2.99 -2.91
C HIS A 39 -7.71 -1.58 -3.45
N GLY A 40 -8.17 -0.52 -2.82
CA GLY A 40 -7.82 0.85 -3.31
C GLY A 40 -6.62 1.40 -2.52
N PRO A 41 -6.89 2.20 -1.52
CA PRO A 41 -8.26 2.61 -1.10
C PRO A 41 -8.90 3.71 -1.98
N THR A 42 -9.95 4.28 -1.46
CA THR A 42 -10.68 5.37 -2.19
C THR A 42 -9.99 6.71 -1.90
N ILE A 43 -8.80 6.64 -1.38
CA ILE A 43 -7.98 7.84 -1.02
C ILE A 43 -6.50 7.47 -1.24
N GLY A 44 -6.09 7.54 -2.47
CA GLY A 44 -4.67 7.19 -2.82
C GLY A 44 -4.63 5.68 -3.12
N TRP A 45 -3.52 5.19 -3.61
CA TRP A 45 -3.45 3.73 -3.93
C TRP A 45 -2.38 3.08 -3.04
N CYS A 46 -2.64 1.87 -2.60
CA CYS A 46 -1.64 1.16 -1.73
C CYS A 46 -0.96 0.10 -2.62
N CYS A 47 0.34 0.22 -2.73
CA CYS A 47 1.15 -0.70 -3.56
C CYS A 47 2.46 -0.93 -2.82
N LYS A 48 3.41 -1.50 -3.48
CA LYS A 48 4.75 -1.78 -2.90
C LYS A 48 5.64 -1.72 -4.12
N GLN A 49 6.90 -1.60 -3.90
CA GLN A 49 7.83 -1.53 -4.99
C GLN A 49 8.01 -2.90 -5.71
N GLY A 1 7.18 8.84 1.25
CA GLY A 1 5.81 8.47 0.78
C GLY A 1 5.05 8.07 2.04
N VAL A 2 3.76 7.85 1.95
CA VAL A 2 3.00 7.46 3.17
C VAL A 2 3.08 5.94 3.20
N SER A 3 3.20 5.38 4.37
CA SER A 3 3.28 3.89 4.49
C SER A 3 1.87 3.34 4.39
N CYS A 4 1.77 2.07 4.14
CA CYS A 4 0.42 1.44 4.02
C CYS A 4 0.52 -0.06 4.29
N LEU A 5 -0.56 -0.67 4.70
CA LEU A 5 -0.55 -2.13 4.99
C LEU A 5 -0.91 -2.88 3.70
N CYS A 6 -0.03 -3.73 3.26
CA CYS A 6 -0.29 -4.50 2.01
C CYS A 6 -0.90 -5.87 2.34
N ASP A 7 -1.67 -6.40 1.40
CA ASP A 7 -2.34 -7.73 1.56
C ASP A 7 -1.37 -8.92 1.64
N SER A 8 -0.14 -8.61 1.87
CA SER A 8 0.93 -9.64 1.97
C SER A 8 1.75 -9.34 3.25
N ASP A 9 1.37 -8.33 3.98
CA ASP A 9 2.09 -7.94 5.23
C ASP A 9 1.41 -8.77 6.31
N GLY A 10 1.50 -10.06 6.14
CA GLY A 10 0.90 -11.03 7.10
C GLY A 10 -0.63 -10.93 7.00
N PRO A 11 -1.32 -10.63 8.08
CA PRO A 11 -2.81 -10.69 8.10
C PRO A 11 -3.46 -9.62 7.21
N SER A 12 -4.75 -9.71 7.08
CA SER A 12 -5.50 -8.74 6.23
C SER A 12 -5.92 -7.52 7.05
N VAL A 13 -6.66 -6.63 6.42
CA VAL A 13 -7.13 -5.38 7.12
C VAL A 13 -5.98 -4.74 7.92
N ARG A 14 -6.25 -4.39 9.13
CA ARG A 14 -5.24 -3.77 10.04
C ARG A 14 -5.07 -4.70 11.24
N GLY A 15 -3.98 -4.54 11.96
CA GLY A 15 -3.73 -5.40 13.16
C GLY A 15 -2.23 -5.66 13.23
N ASN A 16 -1.67 -5.75 12.06
CA ASN A 16 -0.21 -5.99 11.89
C ASN A 16 0.49 -4.73 11.36
N THR A 17 1.79 -4.71 11.47
CA THR A 17 2.57 -3.54 10.99
C THR A 17 2.46 -3.47 9.45
N LEU A 18 2.54 -2.25 8.97
CA LEU A 18 2.46 -1.96 7.52
C LEU A 18 3.86 -1.70 7.00
N SER A 19 4.14 -2.27 5.85
CA SER A 19 5.47 -2.09 5.20
C SER A 19 5.29 -1.58 3.77
N GLY A 20 4.06 -1.38 3.38
CA GLY A 20 3.78 -0.89 2.02
C GLY A 20 3.86 0.63 2.02
N THR A 21 3.48 1.22 0.93
CA THR A 21 3.50 2.69 0.78
C THR A 21 2.38 3.00 -0.19
N LEU A 22 1.80 4.10 0.11
CA LEU A 22 0.67 4.65 -0.66
C LEU A 22 1.20 5.72 -1.59
N TRP A 23 0.66 5.64 -2.76
CA TRP A 23 0.99 6.55 -3.88
C TRP A 23 -0.25 7.40 -4.15
N LEU A 24 0.03 8.68 -4.20
CA LEU A 24 -1.02 9.71 -4.44
C LEU A 24 -1.15 9.94 -5.94
N TYR A 25 -0.16 9.43 -6.61
CA TYR A 25 -0.09 9.54 -8.10
C TYR A 25 -1.37 8.90 -8.63
N PRO A 26 -1.87 9.36 -9.74
CA PRO A 26 -3.28 9.08 -10.12
C PRO A 26 -3.55 7.60 -10.34
N SER A 27 -2.48 6.90 -10.57
CA SER A 27 -2.56 5.43 -10.83
C SER A 27 -1.91 4.63 -9.71
N GLY A 28 -1.56 5.33 -8.68
CA GLY A 28 -0.92 4.67 -7.54
C GLY A 28 0.48 4.23 -7.79
N CYS A 29 0.59 2.95 -7.75
CA CYS A 29 1.87 2.28 -7.97
C CYS A 29 2.61 2.80 -9.23
N PRO A 30 3.74 3.42 -9.03
CA PRO A 30 4.61 3.86 -10.13
C PRO A 30 5.42 2.70 -10.74
N SER A 31 5.95 3.03 -11.87
CA SER A 31 6.77 2.09 -12.65
C SER A 31 8.14 2.01 -12.02
N GLY A 32 8.16 1.04 -11.16
CA GLY A 32 9.35 0.69 -10.36
C GLY A 32 8.81 0.07 -9.08
N TRP A 33 7.50 0.02 -8.97
CA TRP A 33 6.83 -0.55 -7.79
C TRP A 33 6.11 -1.74 -8.38
N HIS A 34 5.21 -2.32 -7.64
CA HIS A 34 4.46 -3.49 -8.15
C HIS A 34 2.95 -3.45 -8.08
N ASN A 35 2.48 -3.60 -6.88
CA ASN A 35 1.06 -3.60 -6.43
C ASN A 35 0.88 -4.61 -5.31
N CYS A 36 -0.07 -4.33 -4.45
CA CYS A 36 -0.36 -5.25 -3.30
C CYS A 36 -1.85 -5.12 -2.92
N LYS A 37 -2.23 -3.89 -2.69
CA LYS A 37 -3.62 -3.55 -2.29
C LYS A 37 -4.49 -3.32 -3.51
N ALA A 38 -4.90 -4.42 -4.09
CA ALA A 38 -5.77 -4.33 -5.30
C ALA A 38 -7.20 -3.98 -4.84
N HIS A 39 -7.36 -3.68 -3.58
CA HIS A 39 -8.71 -3.33 -3.03
C HIS A 39 -8.87 -1.86 -2.65
N GLY A 40 -8.03 -1.35 -1.81
CA GLY A 40 -8.15 0.08 -1.39
C GLY A 40 -6.77 0.72 -1.28
N PRO A 41 -6.68 1.85 -0.60
CA PRO A 41 -7.76 2.52 0.16
C PRO A 41 -8.71 3.29 -0.78
N THR A 42 -9.59 4.01 -0.16
CA THR A 42 -10.58 4.83 -0.90
C THR A 42 -10.02 6.24 -1.15
N ILE A 43 -8.77 6.43 -0.80
CA ILE A 43 -8.07 7.74 -0.96
C ILE A 43 -6.58 7.48 -1.30
N GLY A 44 -6.23 7.63 -2.55
CA GLY A 44 -4.80 7.38 -2.97
C GLY A 44 -4.70 5.87 -3.20
N TRP A 45 -3.62 5.40 -3.76
CA TRP A 45 -3.48 3.93 -4.01
C TRP A 45 -2.43 3.32 -3.06
N CYS A 46 -2.59 2.07 -2.70
CA CYS A 46 -1.59 1.44 -1.78
C CYS A 46 -0.82 0.38 -2.57
N CYS A 47 0.48 0.46 -2.45
CA CYS A 47 1.35 -0.50 -3.17
C CYS A 47 2.63 -0.74 -2.39
N LYS A 48 3.54 -1.36 -3.07
CA LYS A 48 4.85 -1.68 -2.47
C LYS A 48 5.76 -1.66 -3.68
N GLN A 49 7.03 -1.52 -3.43
CA GLN A 49 8.02 -1.49 -4.48
C GLN A 49 8.13 -2.85 -5.21
N GLY A 1 6.68 9.79 1.90
CA GLY A 1 5.38 9.22 1.42
C GLY A 1 4.75 8.54 2.63
N VAL A 2 3.56 8.00 2.50
CA VAL A 2 2.91 7.33 3.66
C VAL A 2 3.14 5.82 3.50
N SER A 3 3.33 5.14 4.60
CA SER A 3 3.56 3.67 4.53
C SER A 3 2.16 3.05 4.39
N CYS A 4 2.10 1.81 3.97
CA CYS A 4 0.78 1.11 3.80
C CYS A 4 0.95 -0.36 4.19
N LEU A 5 -0.14 -1.07 4.32
CA LEU A 5 -0.10 -2.49 4.70
C LEU A 5 -0.74 -3.28 3.55
N CYS A 6 -0.08 -4.31 3.08
CA CYS A 6 -0.64 -5.13 1.97
C CYS A 6 -1.32 -6.39 2.52
N ASP A 7 -2.32 -6.87 1.83
CA ASP A 7 -3.04 -8.11 2.31
C ASP A 7 -2.13 -9.34 2.43
N SER A 8 -1.01 -9.24 1.79
CA SER A 8 0.01 -10.34 1.79
C SER A 8 0.96 -10.19 3.00
N ASP A 9 0.71 -9.19 3.80
CA ASP A 9 1.56 -8.93 5.00
C ASP A 9 0.82 -9.34 6.28
N GLY A 10 1.49 -10.04 7.15
CA GLY A 10 0.87 -10.49 8.43
C GLY A 10 1.94 -10.86 9.46
N PRO A 11 2.79 -9.92 9.80
CA PRO A 11 3.92 -10.15 10.75
C PRO A 11 3.43 -10.09 12.21
N SER A 12 3.88 -11.02 13.02
CA SER A 12 3.46 -11.01 14.44
C SER A 12 4.41 -10.17 15.26
N VAL A 13 3.97 -8.95 15.36
CA VAL A 13 4.68 -7.87 16.11
C VAL A 13 3.64 -6.85 16.57
N ARG A 14 4.07 -5.88 17.35
CA ARG A 14 3.17 -4.80 17.87
C ARG A 14 3.93 -3.49 17.66
N GLY A 15 3.24 -2.40 17.44
CA GLY A 15 3.91 -1.08 17.23
C GLY A 15 3.81 -0.63 15.76
N ASN A 16 3.75 -1.60 14.90
CA ASN A 16 3.63 -1.34 13.44
C ASN A 16 3.11 -2.59 12.75
N THR A 17 2.47 -2.35 11.65
CA THR A 17 1.91 -3.45 10.84
C THR A 17 1.76 -2.98 9.39
N LEU A 18 2.70 -2.20 8.98
CA LEU A 18 2.69 -1.67 7.60
C LEU A 18 4.13 -1.42 7.13
N SER A 19 4.45 -2.02 6.01
CA SER A 19 5.81 -1.89 5.40
C SER A 19 5.69 -1.54 3.90
N GLY A 20 4.49 -1.31 3.47
CA GLY A 20 4.20 -0.96 2.06
C GLY A 20 4.18 0.57 2.01
N THR A 21 3.70 1.14 0.95
CA THR A 21 3.67 2.60 0.86
C THR A 21 2.48 2.90 0.01
N LEU A 22 2.04 4.08 0.20
CA LEU A 22 0.87 4.59 -0.55
C LEU A 22 1.36 5.69 -1.47
N TRP A 23 0.76 5.64 -2.62
CA TRP A 23 1.03 6.56 -3.72
C TRP A 23 -0.22 7.41 -3.89
N LEU A 24 0.00 8.69 -3.95
CA LEU A 24 -1.13 9.67 -4.10
C LEU A 24 -1.41 9.85 -5.58
N TYR A 25 -0.45 9.37 -6.32
CA TYR A 25 -0.46 9.41 -7.81
C TYR A 25 -1.76 8.73 -8.26
N PRO A 26 -2.38 9.22 -9.29
CA PRO A 26 -3.80 8.86 -9.56
C PRO A 26 -4.01 7.39 -9.85
N SER A 27 -2.92 6.76 -10.16
CA SER A 27 -2.95 5.29 -10.49
C SER A 27 -2.21 4.44 -9.47
N GLY A 28 -1.80 5.09 -8.41
CA GLY A 28 -1.09 4.38 -7.34
C GLY A 28 0.32 3.99 -7.68
N CYS A 29 0.48 2.71 -7.69
CA CYS A 29 1.79 2.14 -8.00
C CYS A 29 2.48 2.80 -9.21
N PRO A 30 3.61 3.43 -8.97
CA PRO A 30 4.43 3.99 -10.04
C PRO A 30 5.28 2.85 -10.64
N SER A 31 5.73 3.14 -11.80
CA SER A 31 6.56 2.23 -12.58
C SER A 31 7.87 2.19 -11.85
N GLY A 32 8.07 1.04 -11.29
CA GLY A 32 9.28 0.74 -10.50
C GLY A 32 8.76 0.05 -9.24
N TRP A 33 7.45 -0.01 -9.10
CA TRP A 33 6.81 -0.65 -7.94
C TRP A 33 6.04 -1.83 -8.54
N HIS A 34 5.15 -2.37 -7.76
CA HIS A 34 4.32 -3.53 -8.20
C HIS A 34 2.82 -3.35 -8.06
N ASN A 35 2.35 -3.69 -6.90
CA ASN A 35 0.93 -3.62 -6.46
C ASN A 35 0.69 -4.73 -5.43
N CYS A 36 -0.21 -4.46 -4.53
CA CYS A 36 -0.52 -5.49 -3.49
C CYS A 36 -1.98 -5.31 -3.06
N LYS A 37 -2.32 -4.08 -2.82
CA LYS A 37 -3.70 -3.73 -2.39
C LYS A 37 -4.57 -3.48 -3.63
N ALA A 38 -5.01 -4.56 -4.24
CA ALA A 38 -5.88 -4.48 -5.46
C ALA A 38 -7.32 -4.18 -5.03
N HIS A 39 -7.41 -3.19 -4.20
CA HIS A 39 -8.72 -2.72 -3.64
C HIS A 39 -8.72 -1.22 -3.42
N GLY A 40 -7.73 -0.72 -2.73
CA GLY A 40 -7.69 0.75 -2.49
C GLY A 40 -6.41 1.06 -1.72
N PRO A 41 -6.46 1.99 -0.80
CA PRO A 41 -7.68 2.68 -0.31
C PRO A 41 -8.35 3.63 -1.32
N THR A 42 -9.58 3.92 -1.05
CA THR A 42 -10.40 4.82 -1.89
C THR A 42 -10.01 6.31 -1.76
N ILE A 43 -8.74 6.57 -1.55
CA ILE A 43 -8.27 7.99 -1.41
C ILE A 43 -6.91 8.19 -2.10
N GLY A 44 -6.05 7.24 -1.92
CA GLY A 44 -4.68 7.21 -2.50
C GLY A 44 -4.48 5.72 -2.73
N TRP A 45 -3.51 5.29 -3.50
CA TRP A 45 -3.36 3.81 -3.68
C TRP A 45 -2.26 3.23 -2.81
N CYS A 46 -2.41 1.97 -2.53
CA CYS A 46 -1.43 1.24 -1.70
C CYS A 46 -0.58 0.28 -2.56
N CYS A 47 0.71 0.43 -2.51
CA CYS A 47 1.61 -0.46 -3.31
C CYS A 47 2.95 -0.61 -2.60
N LYS A 48 3.80 -1.37 -3.23
CA LYS A 48 5.15 -1.63 -2.66
C LYS A 48 6.06 -1.64 -3.87
N GLN A 49 7.30 -1.36 -3.62
CA GLN A 49 8.29 -1.32 -4.68
C GLN A 49 8.59 -2.68 -5.33
N GLY A 1 7.13 8.99 1.45
CA GLY A 1 5.77 8.57 0.98
C GLY A 1 5.06 8.06 2.22
N VAL A 2 3.78 7.81 2.16
CA VAL A 2 3.10 7.30 3.38
C VAL A 2 3.20 5.80 3.31
N SER A 3 3.59 5.18 4.38
CA SER A 3 3.71 3.70 4.37
C SER A 3 2.27 3.18 4.44
N CYS A 4 2.10 1.93 4.14
CA CYS A 4 0.74 1.31 4.16
C CYS A 4 0.91 -0.21 4.28
N LEU A 5 -0.14 -0.91 4.61
CA LEU A 5 -0.04 -2.39 4.73
C LEU A 5 -0.60 -3.01 3.45
N CYS A 6 -0.06 -4.14 3.14
CA CYS A 6 -0.49 -4.89 1.93
C CYS A 6 -1.45 -5.99 2.36
N ASP A 7 -2.19 -6.51 1.41
CA ASP A 7 -3.17 -7.59 1.73
C ASP A 7 -2.46 -8.83 2.24
N SER A 8 -1.22 -8.92 1.87
CA SER A 8 -0.38 -10.06 2.30
C SER A 8 -0.21 -9.90 3.83
N ASP A 9 -0.25 -8.65 4.24
CA ASP A 9 -0.10 -8.28 5.67
C ASP A 9 -1.51 -8.33 6.25
N GLY A 10 -2.01 -9.53 6.32
CA GLY A 10 -3.38 -9.78 6.86
C GLY A 10 -3.63 -8.85 8.07
N PRO A 11 -4.60 -7.97 8.00
CA PRO A 11 -4.69 -6.80 8.91
C PRO A 11 -5.02 -7.17 10.36
N SER A 12 -5.03 -6.18 11.21
CA SER A 12 -5.34 -6.41 12.65
C SER A 12 -6.13 -5.20 13.15
N VAL A 13 -6.91 -5.34 14.19
CA VAL A 13 -7.66 -4.15 14.68
C VAL A 13 -6.67 -3.36 15.53
N ARG A 14 -5.87 -2.65 14.79
CA ARG A 14 -4.78 -1.77 15.31
C ARG A 14 -3.54 -2.67 15.52
N GLY A 15 -2.40 -2.04 15.67
CA GLY A 15 -1.14 -2.82 15.89
C GLY A 15 -0.71 -3.46 14.56
N ASN A 16 -1.43 -3.07 13.54
CA ASN A 16 -1.16 -3.60 12.18
C ASN A 16 0.19 -3.07 11.69
N THR A 17 0.82 -3.87 10.86
CA THR A 17 2.14 -3.53 10.29
C THR A 17 1.88 -2.89 8.92
N LEU A 18 2.82 -2.11 8.43
CA LEU A 18 2.63 -1.44 7.10
C LEU A 18 3.96 -1.23 6.37
N SER A 19 4.41 -2.31 5.79
CA SER A 19 5.69 -2.36 5.01
C SER A 19 5.56 -1.86 3.57
N GLY A 20 4.40 -1.41 3.21
CA GLY A 20 4.13 -0.91 1.86
C GLY A 20 4.14 0.61 1.89
N THR A 21 3.71 1.21 0.81
CA THR A 21 3.67 2.66 0.71
C THR A 21 2.53 2.94 -0.23
N LEU A 22 1.92 4.03 0.08
CA LEU A 22 0.78 4.53 -0.69
C LEU A 22 1.26 5.65 -1.59
N TRP A 23 0.67 5.61 -2.74
CA TRP A 23 0.94 6.56 -3.82
C TRP A 23 -0.33 7.37 -4.04
N LEU A 24 -0.13 8.66 -4.11
CA LEU A 24 -1.24 9.63 -4.31
C LEU A 24 -1.45 9.80 -5.81
N TYR A 25 -0.48 9.30 -6.51
CA TYR A 25 -0.48 9.34 -8.00
C TYR A 25 -1.73 8.60 -8.43
N PRO A 26 -2.44 9.08 -9.42
CA PRO A 26 -3.86 8.68 -9.60
C PRO A 26 -4.07 7.19 -9.88
N SER A 27 -2.97 6.55 -10.18
CA SER A 27 -2.99 5.09 -10.50
C SER A 27 -2.23 4.24 -9.48
N GLY A 28 -1.79 4.92 -8.46
CA GLY A 28 -1.05 4.27 -7.38
C GLY A 28 0.39 3.97 -7.66
N CYS A 29 0.63 2.70 -7.53
CA CYS A 29 1.98 2.17 -7.74
C CYS A 29 2.71 2.72 -9.00
N PRO A 30 3.79 3.43 -8.78
CA PRO A 30 4.62 3.97 -9.86
C PRO A 30 5.51 2.91 -10.52
N SER A 31 6.02 3.33 -11.61
CA SER A 31 6.90 2.51 -12.45
C SER A 31 8.24 2.36 -11.75
N GLY A 32 8.35 1.19 -11.21
CA GLY A 32 9.55 0.78 -10.46
C GLY A 32 9.02 0.16 -9.18
N TRP A 33 7.71 0.11 -9.05
CA TRP A 33 7.06 -0.45 -7.87
C TRP A 33 6.28 -1.65 -8.40
N HIS A 34 5.35 -2.14 -7.64
CA HIS A 34 4.53 -3.30 -8.07
C HIS A 34 3.04 -3.08 -7.83
N ASN A 35 2.48 -3.87 -6.95
CA ASN A 35 1.04 -3.78 -6.59
C ASN A 35 0.68 -4.86 -5.58
N CYS A 36 -0.08 -4.48 -4.59
CA CYS A 36 -0.50 -5.47 -3.53
C CYS A 36 -1.92 -5.18 -3.02
N LYS A 37 -2.19 -3.94 -2.73
CA LYS A 37 -3.55 -3.58 -2.21
C LYS A 37 -4.47 -3.26 -3.38
N ALA A 38 -4.79 -4.30 -4.09
CA ALA A 38 -5.69 -4.17 -5.28
C ALA A 38 -7.12 -3.76 -4.88
N HIS A 39 -7.28 -3.48 -3.61
CA HIS A 39 -8.62 -3.07 -3.08
C HIS A 39 -8.74 -1.60 -2.71
N GLY A 40 -7.65 -0.91 -2.57
CA GLY A 40 -7.77 0.52 -2.20
C GLY A 40 -6.46 1.05 -1.63
N PRO A 41 -6.49 2.00 -0.73
CA PRO A 41 -7.72 2.58 -0.09
C PRO A 41 -8.58 3.41 -1.04
N THR A 42 -9.55 4.07 -0.45
CA THR A 42 -10.50 4.92 -1.25
C THR A 42 -9.99 6.38 -1.29
N ILE A 43 -8.72 6.56 -1.04
CA ILE A 43 -8.12 7.95 -1.05
C ILE A 43 -6.94 8.01 -2.05
N GLY A 44 -5.98 7.16 -1.82
CA GLY A 44 -4.76 7.06 -2.67
C GLY A 44 -4.62 5.54 -2.89
N TRP A 45 -3.58 5.06 -3.53
CA TRP A 45 -3.47 3.57 -3.72
C TRP A 45 -2.37 3.00 -2.82
N CYS A 46 -2.55 1.80 -2.32
CA CYS A 46 -1.50 1.20 -1.44
C CYS A 46 -0.73 0.16 -2.26
N CYS A 47 0.57 0.28 -2.21
CA CYS A 47 1.43 -0.67 -2.97
C CYS A 47 2.79 -0.90 -2.31
N LYS A 48 3.68 -1.44 -3.08
CA LYS A 48 5.05 -1.73 -2.56
C LYS A 48 5.98 -1.61 -3.75
N GLN A 49 7.24 -1.50 -3.47
CA GLN A 49 8.24 -1.40 -4.51
C GLN A 49 8.44 -2.78 -5.19
N GLY A 1 7.05 9.65 4.30
CA GLY A 1 6.27 9.04 3.17
C GLY A 1 5.04 8.42 3.80
N VAL A 2 4.11 7.92 3.03
CA VAL A 2 2.89 7.31 3.65
C VAL A 2 2.82 5.86 3.16
N SER A 3 2.45 5.00 4.06
CA SER A 3 2.34 3.56 3.74
C SER A 3 1.05 3.03 4.32
N CYS A 4 0.83 1.77 4.05
CA CYS A 4 -0.39 1.08 4.54
C CYS A 4 -0.21 -0.44 4.53
N LEU A 5 -1.06 -1.05 5.29
CA LEU A 5 -1.13 -2.53 5.49
C LEU A 5 -1.46 -3.22 4.14
N CYS A 6 -0.55 -4.04 3.66
CA CYS A 6 -0.80 -4.75 2.36
C CYS A 6 -1.42 -6.13 2.54
N ASP A 7 -2.03 -6.61 1.48
CA ASP A 7 -2.70 -7.95 1.49
C ASP A 7 -1.87 -9.14 2.03
N SER A 8 -0.59 -8.90 2.16
CA SER A 8 0.34 -9.96 2.68
C SER A 8 0.62 -9.79 4.18
N ASP A 9 0.38 -8.61 4.68
CA ASP A 9 0.61 -8.37 6.13
C ASP A 9 -0.71 -8.72 6.83
N GLY A 10 -0.74 -9.76 7.61
CA GLY A 10 -2.01 -10.15 8.31
C GLY A 10 -1.84 -10.07 9.84
N PRO A 11 -1.63 -8.89 10.37
CA PRO A 11 -1.48 -8.69 11.83
C PRO A 11 -2.80 -8.79 12.61
N SER A 12 -2.68 -8.51 13.88
CA SER A 12 -3.81 -8.53 14.84
C SER A 12 -4.46 -7.16 14.89
N VAL A 13 -5.49 -7.01 15.70
CA VAL A 13 -6.12 -5.66 15.78
C VAL A 13 -4.99 -4.98 16.59
N ARG A 14 -4.49 -3.91 16.05
CA ARG A 14 -3.38 -3.11 16.66
C ARG A 14 -2.11 -3.87 16.22
N GLY A 15 -1.11 -3.13 15.79
CA GLY A 15 0.17 -3.78 15.33
C GLY A 15 0.30 -3.70 13.82
N ASN A 16 -0.51 -2.86 13.24
CA ASN A 16 -0.50 -2.68 11.77
C ASN A 16 0.91 -2.32 11.32
N THR A 17 1.34 -3.05 10.35
CA THR A 17 2.70 -2.85 9.80
C THR A 17 2.59 -2.10 8.46
N LEU A 18 3.35 -1.04 8.36
CA LEU A 18 3.40 -0.17 7.14
C LEU A 18 4.48 -0.73 6.25
N SER A 19 4.15 -1.94 5.91
CA SER A 19 5.00 -2.78 5.04
C SER A 19 5.07 -2.19 3.63
N GLY A 20 3.93 -1.86 3.07
CA GLY A 20 3.93 -1.27 1.71
C GLY A 20 4.11 0.24 1.74
N THR A 21 3.66 0.90 0.71
CA THR A 21 3.76 2.36 0.63
C THR A 21 2.56 2.71 -0.23
N LEU A 22 2.07 3.86 0.06
CA LEU A 22 0.88 4.37 -0.67
C LEU A 22 1.35 5.51 -1.54
N TRP A 23 0.78 5.49 -2.71
CA TRP A 23 1.08 6.48 -3.74
C TRP A 23 -0.13 7.40 -3.92
N LEU A 24 0.20 8.65 -3.90
CA LEU A 24 -0.80 9.76 -4.04
C LEU A 24 -0.96 10.08 -5.53
N TYR A 25 0.01 9.59 -6.25
CA TYR A 25 0.04 9.78 -7.73
C TYR A 25 -1.25 9.20 -8.31
N PRO A 26 -1.75 9.79 -9.37
CA PRO A 26 -3.16 9.59 -9.81
C PRO A 26 -3.45 8.16 -10.24
N SER A 27 -2.39 7.43 -10.41
CA SER A 27 -2.50 6.01 -10.84
C SER A 27 -1.88 5.08 -9.81
N GLY A 28 -1.49 5.68 -8.72
CA GLY A 28 -0.88 4.92 -7.63
C GLY A 28 0.54 4.50 -7.90
N CYS A 29 0.65 3.21 -7.88
CA CYS A 29 1.92 2.51 -8.11
C CYS A 29 2.74 3.06 -9.33
N PRO A 30 3.83 3.72 -9.04
CA PRO A 30 4.72 4.30 -10.05
C PRO A 30 5.63 3.21 -10.64
N SER A 31 5.75 3.27 -11.92
CA SER A 31 6.58 2.34 -12.70
C SER A 31 7.94 2.22 -12.01
N GLY A 32 8.04 1.09 -11.37
CA GLY A 32 9.22 0.70 -10.58
C GLY A 32 8.66 0.05 -9.31
N TRP A 33 7.34 0.06 -9.22
CA TRP A 33 6.58 -0.51 -8.11
C TRP A 33 5.74 -1.60 -8.79
N HIS A 34 4.84 -2.15 -8.05
CA HIS A 34 3.95 -3.22 -8.55
C HIS A 34 2.51 -3.09 -8.05
N ASN A 35 2.20 -3.85 -7.04
CA ASN A 35 0.83 -3.84 -6.41
C ASN A 35 0.96 -4.52 -5.06
N CYS A 36 0.12 -4.18 -4.11
CA CYS A 36 0.22 -4.84 -2.76
C CYS A 36 -1.16 -4.94 -2.08
N LYS A 37 -1.98 -3.98 -2.40
CA LYS A 37 -3.36 -3.87 -1.87
C LYS A 37 -4.37 -3.97 -2.99
N ALA A 38 -4.83 -5.16 -3.21
CA ALA A 38 -5.86 -5.41 -4.29
C ALA A 38 -7.24 -4.96 -3.77
N HIS A 39 -7.24 -3.81 -3.12
CA HIS A 39 -8.48 -3.22 -2.54
C HIS A 39 -8.53 -1.69 -2.72
N GLY A 40 -7.40 -1.02 -2.77
CA GLY A 40 -7.45 0.46 -2.95
C GLY A 40 -6.36 1.14 -2.11
N PRO A 41 -6.74 1.93 -1.12
CA PRO A 41 -8.13 2.09 -0.62
C PRO A 41 -8.88 3.15 -1.43
N THR A 42 -9.84 3.77 -0.81
CA THR A 42 -10.65 4.82 -1.47
C THR A 42 -9.91 6.17 -1.42
N ILE A 43 -8.67 6.13 -1.00
CA ILE A 43 -7.85 7.37 -0.90
C ILE A 43 -6.39 7.02 -1.25
N GLY A 44 -5.92 7.55 -2.35
CA GLY A 44 -4.52 7.27 -2.79
C GLY A 44 -4.49 5.77 -3.17
N TRP A 45 -3.35 5.24 -3.49
CA TRP A 45 -3.31 3.78 -3.87
C TRP A 45 -2.27 3.08 -2.99
N CYS A 46 -2.57 1.93 -2.46
CA CYS A 46 -1.59 1.21 -1.59
C CYS A 46 -0.85 0.17 -2.46
N CYS A 47 0.45 0.30 -2.49
CA CYS A 47 1.28 -0.64 -3.30
C CYS A 47 2.62 -0.95 -2.63
N LYS A 48 3.47 -1.59 -3.41
CA LYS A 48 4.82 -1.96 -2.90
C LYS A 48 5.74 -1.97 -4.08
N GLN A 49 6.99 -2.05 -3.73
CA GLN A 49 8.04 -2.10 -4.70
C GLN A 49 8.35 -3.61 -4.60
N GLY A 1 6.51 11.22 3.32
CA GLY A 1 5.98 10.06 2.54
C GLY A 1 4.88 9.45 3.40
N VAL A 2 4.13 8.50 2.87
CA VAL A 2 3.03 7.85 3.64
C VAL A 2 3.06 6.35 3.32
N SER A 3 3.00 5.57 4.36
CA SER A 3 3.02 4.09 4.19
C SER A 3 1.60 3.54 4.06
N CYS A 4 1.53 2.25 3.95
CA CYS A 4 0.24 1.54 3.82
C CYS A 4 0.45 0.07 4.14
N LEU A 5 -0.65 -0.60 4.28
CA LEU A 5 -0.66 -2.06 4.60
C LEU A 5 -1.01 -2.85 3.35
N CYS A 6 -0.29 -3.92 3.19
CA CYS A 6 -0.49 -4.83 2.04
C CYS A 6 -1.52 -5.88 2.44
N ASP A 7 -2.09 -6.52 1.45
CA ASP A 7 -3.11 -7.57 1.73
C ASP A 7 -2.44 -8.69 2.51
N SER A 8 -1.19 -8.90 2.18
CA SER A 8 -0.36 -9.95 2.86
C SER A 8 0.14 -9.54 4.25
N ASP A 9 -0.17 -8.34 4.69
CA ASP A 9 0.30 -7.91 6.05
C ASP A 9 -0.76 -8.31 7.05
N GLY A 10 -0.50 -8.08 8.31
CA GLY A 10 -1.52 -8.46 9.34
C GLY A 10 -2.68 -7.46 9.28
N PRO A 11 -3.73 -7.71 10.02
CA PRO A 11 -4.79 -6.67 10.24
C PRO A 11 -4.18 -5.45 10.96
N SER A 12 -4.99 -4.54 11.39
CA SER A 12 -4.42 -3.35 12.07
C SER A 12 -4.26 -3.62 13.57
N VAL A 13 -3.03 -3.87 13.90
CA VAL A 13 -2.65 -4.16 15.31
C VAL A 13 -1.13 -4.00 15.43
N ARG A 14 -0.65 -3.90 16.65
CA ARG A 14 0.82 -3.74 16.84
C ARG A 14 1.48 -5.05 16.41
N GLY A 15 2.77 -5.04 16.26
CA GLY A 15 3.46 -6.30 15.84
C GLY A 15 3.42 -6.31 14.31
N ASN A 16 2.28 -5.97 13.77
CA ASN A 16 2.10 -5.93 12.29
C ASN A 16 2.84 -4.69 11.76
N THR A 17 3.06 -4.64 10.48
CA THR A 17 3.77 -3.48 9.87
C THR A 17 3.24 -3.14 8.49
N LEU A 18 3.58 -1.96 8.05
CA LEU A 18 3.15 -1.45 6.73
C LEU A 18 4.21 -1.92 5.74
N SER A 19 4.06 -3.11 5.24
CA SER A 19 5.08 -3.61 4.28
C SER A 19 4.85 -3.08 2.84
N GLY A 20 4.21 -1.93 2.77
CA GLY A 20 3.88 -1.22 1.50
C GLY A 20 4.00 0.32 1.64
N THR A 21 3.48 1.08 0.72
CA THR A 21 3.52 2.55 0.73
C THR A 21 2.26 2.94 -0.02
N LEU A 22 1.86 4.14 0.20
CA LEU A 22 0.66 4.65 -0.49
C LEU A 22 1.11 5.74 -1.45
N TRP A 23 0.55 5.69 -2.61
CA TRP A 23 0.86 6.65 -3.70
C TRP A 23 -0.31 7.58 -3.94
N LEU A 24 0.04 8.83 -4.04
CA LEU A 24 -0.94 9.92 -4.29
C LEU A 24 -1.12 10.11 -5.78
N TYR A 25 -0.16 9.57 -6.47
CA TYR A 25 -0.12 9.63 -7.96
C TYR A 25 -1.41 9.01 -8.53
N PRO A 26 -1.86 9.51 -9.64
CA PRO A 26 -3.25 9.23 -10.11
C PRO A 26 -3.53 7.77 -10.44
N SER A 27 -2.47 7.02 -10.47
CA SER A 27 -2.60 5.55 -10.78
C SER A 27 -1.94 4.72 -9.68
N GLY A 28 -1.58 5.39 -8.63
CA GLY A 28 -0.92 4.68 -7.51
C GLY A 28 0.48 4.27 -7.80
N CYS A 29 0.59 2.97 -7.83
CA CYS A 29 1.88 2.30 -8.10
C CYS A 29 2.64 2.96 -9.29
N PRO A 30 3.75 3.59 -8.99
CA PRO A 30 4.66 4.14 -10.00
C PRO A 30 5.59 3.03 -10.50
N SER A 31 5.98 3.22 -11.70
CA SER A 31 6.88 2.31 -12.41
C SER A 31 8.11 2.11 -11.55
N GLY A 32 8.20 0.87 -11.18
CA GLY A 32 9.31 0.39 -10.32
C GLY A 32 8.69 -0.19 -9.06
N TRP A 33 7.37 -0.19 -9.02
CA TRP A 33 6.64 -0.72 -7.87
C TRP A 33 5.89 -1.93 -8.41
N HIS A 34 5.14 -2.51 -7.52
CA HIS A 34 4.33 -3.72 -7.77
C HIS A 34 2.85 -3.69 -7.33
N ASN A 35 2.55 -4.30 -6.23
CA ASN A 35 1.15 -4.33 -5.72
C ASN A 35 1.00 -4.87 -4.29
N CYS A 36 0.25 -4.15 -3.51
CA CYS A 36 0.01 -4.55 -2.10
C CYS A 36 -1.47 -4.46 -1.75
N LYS A 37 -2.19 -3.71 -2.52
CA LYS A 37 -3.63 -3.53 -2.29
C LYS A 37 -4.39 -3.50 -3.62
N ALA A 38 -4.90 -4.63 -4.00
CA ALA A 38 -5.67 -4.73 -5.28
C ALA A 38 -7.10 -4.21 -5.09
N HIS A 39 -7.35 -3.65 -3.93
CA HIS A 39 -8.72 -3.11 -3.61
C HIS A 39 -8.77 -1.62 -3.29
N GLY A 40 -8.14 -1.22 -2.22
CA GLY A 40 -8.12 0.20 -1.79
C GLY A 40 -7.07 0.33 -0.70
N PRO A 41 -7.10 1.37 0.10
CA PRO A 41 -8.33 2.14 0.41
C PRO A 41 -8.76 3.09 -0.71
N THR A 42 -9.98 3.51 -0.63
CA THR A 42 -10.59 4.43 -1.62
C THR A 42 -10.01 5.87 -1.55
N ILE A 43 -8.76 5.98 -1.21
CA ILE A 43 -8.09 7.33 -1.12
C ILE A 43 -6.61 7.14 -1.46
N GLY A 44 -6.17 7.77 -2.51
CA GLY A 44 -4.73 7.63 -2.93
C GLY A 44 -4.61 6.15 -3.33
N TRP A 45 -3.44 5.60 -3.37
CA TRP A 45 -3.35 4.15 -3.76
C TRP A 45 -2.39 3.48 -2.81
N CYS A 46 -2.53 2.19 -2.68
CA CYS A 46 -1.65 1.40 -1.78
C CYS A 46 -0.90 0.36 -2.62
N CYS A 47 0.39 0.48 -2.63
CA CYS A 47 1.24 -0.47 -3.41
C CYS A 47 2.59 -0.57 -2.71
N LYS A 48 3.53 -1.25 -3.29
CA LYS A 48 4.87 -1.36 -2.64
C LYS A 48 5.87 -1.52 -3.76
N GLN A 49 7.09 -1.14 -3.47
CA GLN A 49 8.17 -1.23 -4.43
C GLN A 49 8.51 -2.71 -4.64
N GLY A 1 6.15 11.11 1.33
CA GLY A 1 5.51 9.85 0.84
C GLY A 1 4.49 9.44 1.89
N VAL A 2 3.82 8.33 1.67
CA VAL A 2 2.80 7.81 2.63
C VAL A 2 3.00 6.29 2.71
N SER A 3 2.73 5.70 3.85
CA SER A 3 2.89 4.22 4.03
C SER A 3 1.55 3.51 3.88
N CYS A 4 1.61 2.21 3.98
CA CYS A 4 0.38 1.36 3.87
C CYS A 4 0.71 -0.12 4.11
N LEU A 5 -0.32 -0.90 4.18
CA LEU A 5 -0.22 -2.37 4.41
C LEU A 5 -0.72 -2.99 3.11
N CYS A 6 -0.48 -4.26 2.95
CA CYS A 6 -0.92 -4.96 1.71
C CYS A 6 -2.23 -5.74 1.94
N ASP A 7 -2.84 -6.26 0.90
CA ASP A 7 -4.12 -7.04 1.08
C ASP A 7 -3.85 -8.49 1.53
N SER A 8 -2.64 -8.65 1.97
CA SER A 8 -2.07 -9.92 2.49
C SER A 8 -1.92 -9.78 4.01
N ASP A 9 -1.31 -8.67 4.35
CA ASP A 9 -1.04 -8.32 5.77
C ASP A 9 -2.20 -7.53 6.43
N GLY A 10 -1.99 -7.30 7.69
CA GLY A 10 -2.97 -6.56 8.53
C GLY A 10 -2.76 -6.93 10.01
N PRO A 11 -1.58 -6.70 10.53
CA PRO A 11 -1.19 -7.25 11.86
C PRO A 11 -1.89 -6.50 13.01
N SER A 12 -2.45 -7.25 13.91
CA SER A 12 -3.16 -6.66 15.08
C SER A 12 -2.17 -6.48 16.25
N VAL A 13 -2.62 -5.79 17.26
CA VAL A 13 -1.80 -5.51 18.50
C VAL A 13 -0.62 -4.54 18.22
N ARG A 14 -0.06 -4.09 19.31
CA ARG A 14 1.10 -3.15 19.24
C ARG A 14 2.23 -3.86 18.48
N GLY A 15 2.95 -3.11 17.69
CA GLY A 15 4.08 -3.69 16.90
C GLY A 15 3.74 -3.62 15.41
N ASN A 16 2.55 -3.15 15.16
CA ASN A 16 2.04 -2.99 13.75
C ASN A 16 3.06 -2.30 12.87
N THR A 17 2.95 -2.56 11.60
CA THR A 17 3.87 -1.99 10.56
C THR A 17 3.17 -1.75 9.19
N LEU A 18 3.90 -1.15 8.28
CA LEU A 18 3.38 -0.84 6.89
C LEU A 18 4.18 -1.69 5.91
N SER A 19 3.59 -2.75 5.43
CA SER A 19 4.34 -3.63 4.45
C SER A 19 4.34 -3.14 3.01
N GLY A 20 3.57 -2.10 2.77
CA GLY A 20 3.46 -1.51 1.42
C GLY A 20 3.70 -0.01 1.60
N THR A 21 3.31 0.78 0.65
CA THR A 21 3.49 2.22 0.70
C THR A 21 2.32 2.70 -0.12
N LEU A 22 2.02 3.92 0.08
CA LEU A 22 0.90 4.56 -0.65
C LEU A 22 1.46 5.66 -1.50
N TRP A 23 0.85 5.71 -2.64
CA TRP A 23 1.17 6.69 -3.70
C TRP A 23 -0.11 7.50 -3.94
N LEU A 24 0.05 8.79 -3.93
CA LEU A 24 -1.09 9.75 -4.15
C LEU A 24 -1.17 9.98 -5.66
N TYR A 25 -0.06 9.66 -6.24
CA TYR A 25 0.15 9.78 -7.71
C TYR A 25 -1.07 9.22 -8.45
N PRO A 26 -1.40 9.80 -9.56
CA PRO A 26 -2.75 9.62 -10.17
C PRO A 26 -3.01 8.20 -10.61
N SER A 27 -1.95 7.45 -10.62
CA SER A 27 -2.02 6.02 -11.04
C SER A 27 -1.35 5.15 -9.99
N GLY A 28 -1.27 5.69 -8.81
CA GLY A 28 -0.64 4.95 -7.70
C GLY A 28 0.78 4.54 -7.89
N CYS A 29 0.89 3.25 -7.91
CA CYS A 29 2.18 2.56 -8.08
C CYS A 29 3.05 3.14 -9.23
N PRO A 30 4.11 3.82 -8.87
CA PRO A 30 5.02 4.43 -9.84
C PRO A 30 5.89 3.32 -10.42
N SER A 31 6.07 3.45 -11.69
CA SER A 31 6.88 2.52 -12.49
C SER A 31 8.24 2.37 -11.82
N GLY A 32 8.29 1.25 -11.15
CA GLY A 32 9.45 0.78 -10.36
C GLY A 32 8.85 0.10 -9.12
N TRP A 33 7.54 0.15 -9.01
CA TRP A 33 6.78 -0.46 -7.90
C TRP A 33 5.98 -1.60 -8.51
N HIS A 34 5.16 -2.18 -7.71
CA HIS A 34 4.29 -3.34 -8.10
C HIS A 34 2.81 -3.23 -7.70
N ASN A 35 2.44 -3.92 -6.65
CA ASN A 35 1.02 -3.92 -6.14
C ASN A 35 0.93 -4.54 -4.76
N CYS A 36 0.04 -4.06 -3.93
CA CYS A 36 -0.10 -4.66 -2.56
C CYS A 36 -1.57 -4.60 -2.17
N LYS A 37 -2.16 -3.44 -2.28
CA LYS A 37 -3.58 -3.33 -1.92
C LYS A 37 -4.39 -3.40 -3.23
N ALA A 38 -5.03 -4.51 -3.42
CA ALA A 38 -5.86 -4.71 -4.65
C ALA A 38 -7.30 -4.36 -4.29
N HIS A 39 -7.50 -3.92 -3.08
CA HIS A 39 -8.90 -3.56 -2.66
C HIS A 39 -9.00 -2.17 -2.01
N GLY A 40 -8.72 -2.07 -0.73
CA GLY A 40 -8.80 -0.73 -0.04
C GLY A 40 -7.46 0.00 -0.22
N PRO A 41 -7.22 1.08 0.48
CA PRO A 41 -8.15 1.83 1.38
C PRO A 41 -9.07 2.86 0.70
N THR A 42 -9.41 2.64 -0.54
CA THR A 42 -10.30 3.58 -1.31
C THR A 42 -9.66 4.96 -1.59
N ILE A 43 -8.69 5.35 -0.81
CA ILE A 43 -8.01 6.67 -1.03
C ILE A 43 -6.58 6.48 -1.58
N GLY A 44 -6.23 7.29 -2.55
CA GLY A 44 -4.87 7.20 -3.18
C GLY A 44 -4.64 5.74 -3.64
N TRP A 45 -3.42 5.30 -3.69
CA TRP A 45 -3.20 3.88 -4.13
C TRP A 45 -2.16 3.24 -3.19
N CYS A 46 -2.50 2.11 -2.65
CA CYS A 46 -1.60 1.37 -1.72
C CYS A 46 -0.89 0.26 -2.52
N CYS A 47 0.39 0.41 -2.64
CA CYS A 47 1.23 -0.56 -3.40
C CYS A 47 2.51 -0.93 -2.63
N LYS A 48 3.46 -1.50 -3.31
CA LYS A 48 4.76 -1.90 -2.68
C LYS A 48 5.82 -1.81 -3.75
N GLN A 49 7.04 -1.61 -3.35
CA GLN A 49 8.15 -1.53 -4.25
C GLN A 49 8.60 -2.99 -4.20
N GLY A 1 4.85 11.43 2.76
CA GLY A 1 4.33 10.22 2.06
C GLY A 1 3.48 9.47 3.08
N VAL A 2 3.00 8.31 2.72
CA VAL A 2 2.15 7.49 3.65
C VAL A 2 2.45 6.01 3.35
N SER A 3 2.48 5.22 4.40
CA SER A 3 2.75 3.75 4.24
C SER A 3 1.44 3.02 3.95
N CYS A 4 1.54 1.73 3.83
CA CYS A 4 0.33 0.90 3.54
C CYS A 4 0.55 -0.59 3.85
N LEU A 5 -0.52 -1.23 4.22
CA LEU A 5 -0.46 -2.69 4.56
C LEU A 5 -0.85 -3.46 3.32
N CYS A 6 -0.15 -4.53 3.08
CA CYS A 6 -0.45 -5.35 1.87
C CYS A 6 -1.52 -6.35 2.29
N ASP A 7 -2.37 -6.69 1.37
CA ASP A 7 -3.45 -7.68 1.72
C ASP A 7 -2.86 -8.97 2.29
N SER A 8 -1.72 -9.28 1.78
CA SER A 8 -0.98 -10.51 2.21
C SER A 8 -0.27 -10.36 3.56
N ASP A 9 -0.35 -9.22 4.20
CA ASP A 9 0.35 -9.05 5.52
C ASP A 9 -0.58 -9.48 6.68
N GLY A 10 -1.39 -10.47 6.43
CA GLY A 10 -2.33 -10.93 7.51
C GLY A 10 -3.48 -9.92 7.73
N PRO A 11 -4.07 -9.92 8.91
CA PRO A 11 -5.26 -9.10 9.22
C PRO A 11 -4.94 -7.61 9.44
N SER A 12 -5.98 -6.82 9.38
CA SER A 12 -5.84 -5.35 9.58
C SER A 12 -6.02 -4.99 11.07
N VAL A 13 -6.01 -3.71 11.35
CA VAL A 13 -6.17 -3.20 12.75
C VAL A 13 -5.11 -3.77 13.71
N ARG A 14 -4.02 -4.16 13.16
CA ARG A 14 -2.91 -4.73 13.99
C ARG A 14 -1.66 -4.99 13.17
N GLY A 15 -0.85 -5.86 13.70
CA GLY A 15 0.44 -6.26 13.05
C GLY A 15 1.51 -5.22 13.30
N ASN A 16 1.13 -3.98 13.07
CA ASN A 16 2.02 -2.78 13.21
C ASN A 16 2.98 -2.82 12.02
N THR A 17 3.58 -1.71 11.68
CA THR A 17 4.53 -1.66 10.50
C THR A 17 3.72 -1.79 9.19
N LEU A 18 4.36 -1.54 8.07
CA LEU A 18 3.65 -1.63 6.73
C LEU A 18 4.57 -2.26 5.66
N SER A 19 4.11 -3.25 4.90
CA SER A 19 5.01 -3.85 3.86
C SER A 19 4.81 -3.06 2.55
N GLY A 20 3.88 -2.14 2.56
CA GLY A 20 3.57 -1.31 1.38
C GLY A 20 3.65 0.18 1.69
N THR A 21 3.30 0.97 0.72
CA THR A 21 3.31 2.42 0.80
C THR A 21 2.20 2.83 -0.15
N LEU A 22 1.70 3.96 0.19
CA LEU A 22 0.62 4.59 -0.58
C LEU A 22 1.19 5.72 -1.42
N TRP A 23 0.70 5.67 -2.61
CA TRP A 23 1.04 6.60 -3.69
C TRP A 23 -0.18 7.48 -3.94
N LEU A 24 0.10 8.75 -3.94
CA LEU A 24 -0.97 9.78 -4.16
C LEU A 24 -1.12 10.04 -5.65
N TYR A 25 -0.13 9.53 -6.33
CA TYR A 25 -0.02 9.65 -7.81
C TYR A 25 -1.28 9.06 -8.43
N PRO A 26 -1.69 9.59 -9.55
CA PRO A 26 -3.07 9.36 -10.05
C PRO A 26 -3.35 7.90 -10.39
N SER A 27 -2.28 7.18 -10.50
CA SER A 27 -2.37 5.72 -10.83
C SER A 27 -1.72 4.86 -9.76
N GLY A 28 -1.40 5.50 -8.67
CA GLY A 28 -0.77 4.78 -7.55
C GLY A 28 0.65 4.38 -7.78
N CYS A 29 0.78 3.09 -7.77
CA CYS A 29 2.08 2.43 -7.96
C CYS A 29 2.92 3.06 -9.11
N PRO A 30 3.99 3.75 -8.75
CA PRO A 30 4.92 4.35 -9.73
C PRO A 30 5.81 3.24 -10.30
N SER A 31 5.79 3.20 -11.59
CA SER A 31 6.55 2.24 -12.42
C SER A 31 7.98 2.10 -11.88
N GLY A 32 8.08 1.03 -11.16
CA GLY A 32 9.33 0.60 -10.47
C GLY A 32 8.82 -0.05 -9.17
N TRP A 33 7.53 0.09 -8.93
CA TRP A 33 6.92 -0.49 -7.72
C TRP A 33 6.29 -1.82 -8.15
N HIS A 34 5.25 -2.24 -7.49
CA HIS A 34 4.57 -3.52 -7.82
C HIS A 34 3.08 -3.45 -7.48
N ASN A 35 2.68 -4.10 -6.42
CA ASN A 35 1.24 -4.10 -5.99
C ASN A 35 1.08 -4.70 -4.58
N CYS A 36 0.20 -4.11 -3.79
CA CYS A 36 -0.03 -4.63 -2.39
C CYS A 36 -1.46 -4.46 -1.87
N LYS A 37 -2.24 -3.63 -2.52
CA LYS A 37 -3.64 -3.40 -2.11
C LYS A 37 -4.41 -3.59 -3.41
N ALA A 38 -5.07 -4.71 -3.47
CA ALA A 38 -5.87 -5.05 -4.68
C ALA A 38 -7.28 -4.48 -4.54
N HIS A 39 -7.51 -3.80 -3.45
CA HIS A 39 -8.87 -3.22 -3.22
C HIS A 39 -8.92 -1.75 -2.79
N GLY A 40 -8.32 -1.42 -1.67
CA GLY A 40 -8.34 0.00 -1.21
C GLY A 40 -6.99 0.70 -1.28
N PRO A 41 -6.81 1.78 -0.56
CA PRO A 41 -7.87 2.49 0.22
C PRO A 41 -8.82 3.26 -0.71
N THR A 42 -9.72 3.99 -0.12
CA THR A 42 -10.69 4.79 -0.93
C THR A 42 -10.12 6.17 -1.29
N ILE A 43 -8.88 6.40 -0.93
CA ILE A 43 -8.20 7.70 -1.23
C ILE A 43 -6.73 7.41 -1.55
N GLY A 44 -6.29 7.85 -2.70
CA GLY A 44 -4.87 7.60 -3.12
C GLY A 44 -4.77 6.12 -3.51
N TRP A 45 -3.60 5.61 -3.70
CA TRP A 45 -3.46 4.18 -4.09
C TRP A 45 -2.43 3.56 -3.15
N CYS A 46 -2.56 2.28 -2.99
CA CYS A 46 -1.63 1.54 -2.10
C CYS A 46 -0.91 0.43 -2.88
N CYS A 47 0.37 0.42 -2.74
CA CYS A 47 1.23 -0.58 -3.43
C CYS A 47 2.47 -0.80 -2.56
N LYS A 48 3.47 -1.40 -3.13
CA LYS A 48 4.76 -1.65 -2.41
C LYS A 48 5.77 -1.65 -3.54
N GLN A 49 7.04 -1.57 -3.20
CA GLN A 49 8.06 -1.57 -4.22
C GLN A 49 8.38 -3.04 -4.61
N GLY A 1 6.93 7.94 1.23
CA GLY A 1 5.47 7.96 0.87
C GLY A 1 4.73 7.55 2.14
N VAL A 2 3.42 7.43 2.10
CA VAL A 2 2.69 7.03 3.34
C VAL A 2 2.63 5.50 3.31
N SER A 3 2.79 4.90 4.45
CA SER A 3 2.76 3.41 4.56
C SER A 3 1.37 2.83 4.33
N CYS A 4 1.32 1.53 4.14
CA CYS A 4 0.00 0.86 3.91
C CYS A 4 0.18 -0.60 4.32
N LEU A 5 -0.76 -1.15 5.05
CA LEU A 5 -0.63 -2.57 5.45
C LEU A 5 -1.32 -3.37 4.37
N CYS A 6 -0.54 -4.18 3.73
CA CYS A 6 -1.09 -5.01 2.65
C CYS A 6 -1.61 -6.31 3.25
N ASP A 7 -2.56 -6.86 2.54
CA ASP A 7 -3.20 -8.13 2.97
C ASP A 7 -2.22 -9.31 3.08
N SER A 8 -1.04 -9.05 2.61
CA SER A 8 0.09 -10.03 2.62
C SER A 8 1.02 -9.79 3.82
N ASP A 9 0.76 -8.72 4.53
CA ASP A 9 1.55 -8.33 5.72
C ASP A 9 0.99 -8.96 6.98
N GLY A 10 1.82 -9.10 7.98
CA GLY A 10 1.40 -9.71 9.28
C GLY A 10 1.53 -8.71 10.43
N PRO A 11 0.44 -8.33 11.06
CA PRO A 11 0.49 -7.38 12.21
C PRO A 11 1.10 -8.01 13.48
N SER A 12 1.48 -7.16 14.38
CA SER A 12 2.09 -7.58 15.68
C SER A 12 1.41 -6.84 16.84
N VAL A 13 1.70 -7.22 18.05
CA VAL A 13 1.08 -6.51 19.19
C VAL A 13 1.85 -5.18 19.40
N ARG A 14 1.40 -4.24 18.61
CA ARG A 14 1.92 -2.84 18.53
C ARG A 14 3.25 -2.83 17.77
N GLY A 15 3.95 -1.73 17.83
CA GLY A 15 5.27 -1.61 17.11
C GLY A 15 5.11 -1.12 15.67
N ASN A 16 4.12 -1.63 14.98
CA ASN A 16 3.84 -1.25 13.54
C ASN A 16 4.95 -1.70 12.59
N THR A 17 4.52 -1.98 11.40
CA THR A 17 5.38 -2.44 10.26
C THR A 17 4.43 -2.38 9.06
N LEU A 18 4.88 -1.92 7.93
CA LEU A 18 4.00 -1.82 6.72
C LEU A 18 4.81 -2.21 5.50
N SER A 19 4.38 -3.22 4.79
CA SER A 19 5.17 -3.61 3.58
C SER A 19 4.72 -2.69 2.44
N GLY A 20 3.50 -2.23 2.55
CA GLY A 20 2.90 -1.34 1.55
C GLY A 20 3.10 0.13 1.81
N THR A 21 2.83 0.83 0.77
CA THR A 21 2.92 2.29 0.74
C THR A 21 1.90 2.76 -0.29
N LEU A 22 1.27 3.78 0.17
CA LEU A 22 0.20 4.50 -0.57
C LEU A 22 0.85 5.64 -1.33
N TRP A 23 0.37 5.75 -2.51
CA TRP A 23 0.80 6.76 -3.48
C TRP A 23 -0.44 7.61 -3.80
N LEU A 24 -0.22 8.89 -3.70
CA LEU A 24 -1.29 9.91 -3.96
C LEU A 24 -1.29 10.26 -5.43
N TYR A 25 -0.29 9.72 -6.07
CA TYR A 25 -0.10 9.94 -7.53
C TYR A 25 -1.39 9.40 -8.19
N PRO A 26 -1.75 9.87 -9.35
CA PRO A 26 -3.11 9.63 -9.90
C PRO A 26 -3.38 8.14 -10.15
N SER A 27 -2.28 7.49 -10.33
CA SER A 27 -2.28 6.01 -10.59
C SER A 27 -1.54 5.34 -9.43
N GLY A 28 -1.29 6.17 -8.45
CA GLY A 28 -0.58 5.82 -7.19
C GLY A 28 0.70 5.09 -7.49
N CYS A 29 0.42 3.85 -7.65
CA CYS A 29 1.35 2.75 -7.97
C CYS A 29 2.42 3.24 -8.97
N PRO A 30 3.54 3.69 -8.49
CA PRO A 30 4.56 4.32 -9.33
C PRO A 30 5.49 3.26 -9.94
N SER A 31 5.57 3.36 -11.22
CA SER A 31 6.38 2.48 -12.10
C SER A 31 7.73 2.35 -11.45
N GLY A 32 7.95 1.14 -11.05
CA GLY A 32 9.20 0.74 -10.37
C GLY A 32 8.73 0.01 -9.12
N TRP A 33 7.42 0.03 -8.93
CA TRP A 33 6.78 -0.62 -7.80
C TRP A 33 6.08 -1.81 -8.40
N HIS A 34 5.30 -2.38 -7.56
CA HIS A 34 4.50 -3.55 -7.88
C HIS A 34 3.11 -3.15 -7.43
N ASN A 35 2.50 -3.91 -6.60
CA ASN A 35 1.13 -3.58 -6.10
C ASN A 35 0.96 -4.42 -4.84
N CYS A 36 0.04 -4.05 -3.98
CA CYS A 36 -0.15 -4.86 -2.74
C CYS A 36 -1.61 -4.75 -2.28
N LYS A 37 -2.12 -3.55 -2.18
CA LYS A 37 -3.54 -3.41 -1.74
C LYS A 37 -4.59 -3.45 -2.84
N ALA A 38 -4.81 -4.64 -3.31
CA ALA A 38 -5.82 -4.85 -4.39
C ALA A 38 -7.23 -4.38 -3.95
N HIS A 39 -7.32 -3.98 -2.72
CA HIS A 39 -8.62 -3.51 -2.15
C HIS A 39 -8.77 -1.99 -1.99
N GLY A 40 -7.69 -1.26 -1.94
CA GLY A 40 -7.78 0.22 -1.78
C GLY A 40 -6.68 0.78 -0.89
N PRO A 41 -6.78 2.01 -0.41
CA PRO A 41 -8.01 2.85 -0.35
C PRO A 41 -8.51 3.37 -1.70
N THR A 42 -9.47 4.26 -1.65
CA THR A 42 -10.02 4.84 -2.90
C THR A 42 -9.34 6.18 -3.20
N ILE A 43 -8.52 6.63 -2.29
CA ILE A 43 -7.79 7.93 -2.47
C ILE A 43 -6.33 7.57 -2.75
N GLY A 44 -5.97 7.57 -4.01
CA GLY A 44 -4.57 7.24 -4.39
C GLY A 44 -4.58 5.72 -4.60
N TRP A 45 -3.44 5.11 -4.53
CA TRP A 45 -3.35 3.62 -4.73
C TRP A 45 -2.29 3.10 -3.73
N CYS A 46 -2.52 1.93 -3.16
CA CYS A 46 -1.55 1.34 -2.17
C CYS A 46 -0.81 0.15 -2.83
N CYS A 47 0.47 0.29 -2.95
CA CYS A 47 1.31 -0.76 -3.58
C CYS A 47 2.55 -1.02 -2.71
N LYS A 48 3.44 -1.79 -3.22
CA LYS A 48 4.71 -2.15 -2.52
C LYS A 48 5.67 -2.03 -3.68
N GLN A 49 6.94 -1.91 -3.42
CA GLN A 49 7.82 -1.79 -4.55
C GLN A 49 7.94 -3.13 -5.30
N GLY A 1 6.94 8.76 0.88
CA GLY A 1 5.52 8.40 0.53
C GLY A 1 4.90 7.97 1.84
N VAL A 2 3.61 7.71 1.90
CA VAL A 2 3.01 7.28 3.21
C VAL A 2 3.11 5.76 3.24
N SER A 3 3.37 5.21 4.38
CA SER A 3 3.48 3.72 4.45
C SER A 3 2.06 3.17 4.49
N CYS A 4 1.96 1.93 4.14
CA CYS A 4 0.64 1.23 4.13
C CYS A 4 0.96 -0.26 4.22
N LEU A 5 0.10 -1.06 4.77
CA LEU A 5 0.39 -2.50 4.87
C LEU A 5 -0.03 -3.18 3.56
N CYS A 6 0.44 -4.39 3.37
CA CYS A 6 0.11 -5.17 2.14
C CYS A 6 -0.93 -6.19 2.59
N ASP A 7 -1.66 -6.79 1.68
CA ASP A 7 -2.69 -7.79 2.14
C ASP A 7 -2.15 -8.86 3.11
N SER A 8 -0.89 -9.12 2.93
CA SER A 8 -0.14 -10.13 3.75
C SER A 8 0.00 -9.72 5.22
N ASP A 9 -0.28 -8.49 5.52
CA ASP A 9 -0.17 -7.97 6.92
C ASP A 9 -1.51 -8.21 7.65
N GLY A 10 -1.82 -9.48 7.67
CA GLY A 10 -3.07 -9.97 8.31
C GLY A 10 -2.97 -9.98 9.84
N PRO A 11 -1.95 -10.59 10.39
CA PRO A 11 -1.60 -10.43 11.84
C PRO A 11 -0.89 -9.08 12.11
N SER A 12 -0.60 -8.79 13.36
CA SER A 12 0.09 -7.51 13.67
C SER A 12 0.92 -7.67 14.92
N VAL A 13 2.08 -7.07 14.97
CA VAL A 13 2.97 -7.18 16.16
C VAL A 13 3.45 -5.77 16.55
N ARG A 14 4.03 -5.68 17.71
CA ARG A 14 4.56 -4.36 18.23
C ARG A 14 5.28 -3.59 17.10
N GLY A 15 4.87 -2.37 16.90
CA GLY A 15 5.47 -1.50 15.84
C GLY A 15 4.38 -1.37 14.76
N ASN A 16 3.67 -2.47 14.67
CA ASN A 16 2.51 -2.75 13.76
C ASN A 16 3.00 -3.34 12.45
N THR A 17 2.11 -4.02 11.76
CA THR A 17 2.46 -4.65 10.47
C THR A 17 2.17 -3.75 9.26
N LEU A 18 3.17 -3.03 8.87
CA LEU A 18 3.04 -2.12 7.71
C LEU A 18 4.43 -2.00 7.08
N SER A 19 4.55 -2.39 5.85
CA SER A 19 5.86 -2.29 5.15
C SER A 19 5.68 -1.92 3.68
N GLY A 20 4.50 -1.47 3.35
CA GLY A 20 4.17 -1.05 1.98
C GLY A 20 4.13 0.47 1.98
N THR A 21 3.68 1.05 0.91
CA THR A 21 3.61 2.52 0.82
C THR A 21 2.45 2.75 -0.11
N LEU A 22 1.84 3.84 0.13
CA LEU A 22 0.67 4.27 -0.66
C LEU A 22 1.10 5.47 -1.48
N TRP A 23 0.55 5.47 -2.65
CA TRP A 23 0.80 6.52 -3.66
C TRP A 23 -0.50 7.29 -3.90
N LEU A 24 -0.35 8.58 -3.85
CA LEU A 24 -1.48 9.53 -4.05
C LEU A 24 -1.61 9.82 -5.54
N TYR A 25 -0.59 9.36 -6.21
CA TYR A 25 -0.51 9.51 -7.69
C TYR A 25 -1.77 8.87 -8.28
N PRO A 26 -2.26 9.43 -9.36
CA PRO A 26 -3.63 9.12 -9.84
C PRO A 26 -3.80 7.69 -10.30
N SER A 27 -2.67 7.08 -10.53
CA SER A 27 -2.63 5.67 -10.99
C SER A 27 -2.07 4.77 -9.91
N GLY A 28 -1.85 5.36 -8.78
CA GLY A 28 -1.29 4.62 -7.64
C GLY A 28 0.16 4.30 -7.76
N CYS A 29 0.37 3.01 -7.79
CA CYS A 29 1.71 2.45 -7.90
C CYS A 29 2.51 3.00 -9.10
N PRO A 30 3.63 3.63 -8.81
CA PRO A 30 4.52 4.16 -9.86
C PRO A 30 5.33 3.06 -10.57
N SER A 31 5.85 3.50 -11.66
CA SER A 31 6.67 2.67 -12.55
C SER A 31 8.09 2.47 -12.07
N GLY A 32 8.07 1.56 -11.17
CA GLY A 32 9.25 1.05 -10.43
C GLY A 32 8.71 0.39 -9.16
N TRP A 33 7.40 0.23 -9.09
CA TRP A 33 6.74 -0.37 -7.93
C TRP A 33 5.92 -1.52 -8.51
N HIS A 34 5.07 -2.10 -7.70
CA HIS A 34 4.22 -3.24 -8.12
C HIS A 34 2.73 -3.16 -7.73
N ASN A 35 2.34 -3.94 -6.78
CA ASN A 35 0.92 -3.98 -6.29
C ASN A 35 0.73 -4.98 -5.15
N CYS A 36 0.10 -4.55 -4.07
CA CYS A 36 -0.11 -5.52 -2.93
C CYS A 36 -1.37 -5.25 -2.09
N LYS A 37 -2.21 -4.40 -2.58
CA LYS A 37 -3.48 -4.04 -1.89
C LYS A 37 -4.48 -3.67 -2.97
N ALA A 38 -4.88 -4.63 -3.75
CA ALA A 38 -5.87 -4.37 -4.85
C ALA A 38 -7.29 -3.97 -4.36
N HIS A 39 -7.38 -3.33 -3.23
CA HIS A 39 -8.67 -2.88 -2.65
C HIS A 39 -8.80 -1.36 -2.69
N GLY A 40 -7.72 -0.69 -3.00
CA GLY A 40 -7.73 0.80 -3.08
C GLY A 40 -6.54 1.32 -2.25
N PRO A 41 -6.76 2.17 -1.27
CA PRO A 41 -8.07 2.85 -0.98
C PRO A 41 -8.52 3.95 -1.97
N THR A 42 -9.80 4.07 -2.11
CA THR A 42 -10.46 5.07 -3.02
C THR A 42 -9.87 6.51 -3.05
N ILE A 43 -8.97 6.84 -2.17
CA ILE A 43 -8.37 8.22 -2.16
C ILE A 43 -6.83 8.23 -2.31
N GLY A 44 -6.24 7.07 -2.42
CA GLY A 44 -4.75 6.94 -2.57
C GLY A 44 -4.56 5.45 -2.78
N TRP A 45 -3.64 5.03 -3.58
CA TRP A 45 -3.49 3.56 -3.80
C TRP A 45 -2.43 2.95 -2.89
N CYS A 46 -2.67 1.79 -2.33
CA CYS A 46 -1.66 1.16 -1.43
C CYS A 46 -0.87 0.16 -2.26
N CYS A 47 0.43 0.29 -2.22
CA CYS A 47 1.27 -0.64 -3.00
C CYS A 47 2.61 -0.90 -2.33
N LYS A 48 3.51 -1.45 -3.10
CA LYS A 48 4.87 -1.75 -2.58
C LYS A 48 5.75 -1.66 -3.81
N GLN A 49 7.03 -1.58 -3.57
CA GLN A 49 7.98 -1.48 -4.65
C GLN A 49 8.10 -2.81 -5.46
N GLY A 1 6.84 10.27 3.89
CA GLY A 1 6.19 9.43 2.85
C GLY A 1 4.98 8.79 3.53
N VAL A 2 4.22 7.98 2.84
CA VAL A 2 3.04 7.33 3.49
C VAL A 2 3.07 5.84 3.19
N SER A 3 2.81 5.11 4.24
CA SER A 3 2.79 3.64 4.18
C SER A 3 1.36 3.19 4.45
N CYS A 4 1.19 1.91 4.35
CA CYS A 4 -0.11 1.24 4.58
C CYS A 4 0.26 -0.22 4.51
N LEU A 5 -0.61 -1.04 5.01
CA LEU A 5 -0.33 -2.49 4.98
C LEU A 5 -0.78 -3.02 3.63
N CYS A 6 -0.14 -4.08 3.24
CA CYS A 6 -0.49 -4.71 1.95
C CYS A 6 -1.40 -5.87 2.36
N ASP A 7 -2.16 -6.42 1.46
CA ASP A 7 -3.05 -7.54 1.87
C ASP A 7 -2.21 -8.67 2.48
N SER A 8 -0.96 -8.67 2.11
CA SER A 8 0.05 -9.66 2.60
C SER A 8 0.18 -9.59 4.12
N ASP A 9 -0.24 -8.45 4.63
CA ASP A 9 -0.20 -8.17 6.09
C ASP A 9 -1.50 -8.62 6.81
N GLY A 10 -2.35 -9.20 6.02
CA GLY A 10 -3.68 -9.73 6.49
C GLY A 10 -4.54 -8.77 7.34
N PRO A 11 -5.11 -9.26 8.42
CA PRO A 11 -6.29 -8.62 9.09
C PRO A 11 -5.96 -7.39 9.96
N SER A 12 -6.84 -6.42 9.91
CA SER A 12 -6.63 -5.20 10.70
C SER A 12 -7.21 -5.32 12.10
N VAL A 13 -6.42 -6.02 12.84
CA VAL A 13 -6.74 -6.33 14.27
C VAL A 13 -5.98 -5.30 15.14
N ARG A 14 -5.77 -4.16 14.56
CA ARG A 14 -5.05 -3.01 15.19
C ARG A 14 -3.58 -3.38 15.42
N GLY A 15 -2.73 -2.38 15.52
CA GLY A 15 -1.27 -2.66 15.74
C GLY A 15 -0.70 -3.34 14.49
N ASN A 16 -1.28 -2.98 13.39
CA ASN A 16 -0.86 -3.53 12.07
C ASN A 16 0.49 -3.00 11.61
N THR A 17 0.96 -3.63 10.58
CA THR A 17 2.25 -3.35 9.91
C THR A 17 2.19 -2.41 8.69
N LEU A 18 2.92 -1.32 8.73
CA LEU A 18 2.93 -0.35 7.58
C LEU A 18 4.04 -0.79 6.63
N SER A 19 3.85 -1.98 6.11
CA SER A 19 4.87 -2.53 5.17
C SER A 19 4.81 -1.98 3.74
N GLY A 20 3.69 -1.50 3.28
CA GLY A 20 3.62 -0.96 1.90
C GLY A 20 3.86 0.55 1.82
N THR A 21 3.54 1.11 0.70
CA THR A 21 3.71 2.55 0.47
C THR A 21 2.47 2.92 -0.31
N LEU A 22 1.94 4.01 0.07
CA LEU A 22 0.71 4.52 -0.60
C LEU A 22 1.18 5.61 -1.54
N TRP A 23 0.67 5.49 -2.71
CA TRP A 23 0.98 6.45 -3.80
C TRP A 23 -0.24 7.35 -4.07
N LEU A 24 0.06 8.61 -4.04
CA LEU A 24 -0.96 9.68 -4.27
C LEU A 24 -1.07 9.97 -5.75
N TYR A 25 -0.13 9.39 -6.45
CA TYR A 25 -0.07 9.55 -7.92
C TYR A 25 -1.36 8.91 -8.45
N PRO A 26 -1.89 9.40 -9.54
CA PRO A 26 -3.31 9.16 -9.91
C PRO A 26 -3.64 7.69 -10.13
N SER A 27 -2.60 6.94 -10.28
CA SER A 27 -2.75 5.47 -10.53
C SER A 27 -2.02 4.63 -9.48
N GLY A 28 -1.51 5.33 -8.52
CA GLY A 28 -0.78 4.68 -7.43
C GLY A 28 0.63 4.30 -7.77
N CYS A 29 0.81 3.02 -7.66
CA CYS A 29 2.09 2.36 -7.91
C CYS A 29 2.82 2.91 -9.17
N PRO A 30 3.89 3.65 -8.96
CA PRO A 30 4.69 4.23 -10.03
C PRO A 30 5.62 3.16 -10.60
N SER A 31 5.57 3.08 -11.89
CA SER A 31 6.37 2.14 -12.70
C SER A 31 7.78 2.10 -12.12
N GLY A 32 7.99 1.01 -11.46
CA GLY A 32 9.26 0.70 -10.77
C GLY A 32 8.82 0.08 -9.44
N TRP A 33 7.52 0.07 -9.23
CA TRP A 33 6.90 -0.49 -8.02
C TRP A 33 6.19 -1.75 -8.51
N HIS A 34 5.29 -2.25 -7.74
CA HIS A 34 4.53 -3.47 -8.11
C HIS A 34 3.06 -3.38 -7.78
N ASN A 35 2.55 -4.21 -6.92
CA ASN A 35 1.10 -4.16 -6.57
C ASN A 35 0.72 -5.15 -5.48
N CYS A 36 -0.01 -4.68 -4.51
CA CYS A 36 -0.43 -5.61 -3.40
C CYS A 36 -1.88 -5.31 -3.01
N LYS A 37 -2.12 -4.08 -2.70
CA LYS A 37 -3.47 -3.65 -2.29
C LYS A 37 -4.28 -3.31 -3.52
N ALA A 38 -4.55 -4.32 -4.28
CA ALA A 38 -5.36 -4.11 -5.51
C ALA A 38 -6.81 -3.69 -5.16
N HIS A 39 -7.04 -3.53 -3.88
CA HIS A 39 -8.40 -3.13 -3.37
C HIS A 39 -8.49 -1.75 -2.71
N GLY A 40 -7.39 -1.10 -2.45
CA GLY A 40 -7.46 0.25 -1.79
C GLY A 40 -6.46 0.40 -0.64
N PRO A 41 -6.56 1.48 0.11
CA PRO A 41 -7.82 2.18 0.46
C PRO A 41 -8.45 3.06 -0.63
N THR A 42 -9.61 3.58 -0.31
CA THR A 42 -10.36 4.46 -1.25
C THR A 42 -9.83 5.91 -1.23
N ILE A 43 -8.57 6.07 -0.89
CA ILE A 43 -7.94 7.44 -0.84
C ILE A 43 -6.46 7.21 -1.21
N GLY A 44 -6.12 7.48 -2.43
CA GLY A 44 -4.70 7.28 -2.89
C GLY A 44 -4.61 5.78 -3.24
N TRP A 45 -3.45 5.25 -3.55
CA TRP A 45 -3.39 3.79 -3.89
C TRP A 45 -2.36 3.11 -2.98
N CYS A 46 -2.53 1.88 -2.61
CA CYS A 46 -1.51 1.23 -1.73
C CYS A 46 -0.80 0.19 -2.57
N CYS A 47 0.50 0.29 -2.52
CA CYS A 47 1.34 -0.66 -3.28
C CYS A 47 2.64 -0.86 -2.57
N LYS A 48 3.56 -1.45 -3.27
CA LYS A 48 4.90 -1.70 -2.67
C LYS A 48 5.83 -1.68 -3.85
N GLN A 49 7.10 -1.47 -3.59
CA GLN A 49 8.04 -1.45 -4.69
C GLN A 49 8.30 -2.88 -5.24
N GLY A 1 7.30 10.30 3.61
CA GLY A 1 6.57 9.40 2.66
C GLY A 1 5.35 8.90 3.42
N VAL A 2 4.56 8.05 2.84
CA VAL A 2 3.34 7.51 3.53
C VAL A 2 3.20 6.04 3.08
N SER A 3 2.82 5.21 4.01
CA SER A 3 2.65 3.77 3.71
C SER A 3 1.36 3.25 4.30
N CYS A 4 1.13 1.98 4.07
CA CYS A 4 -0.08 1.27 4.57
C CYS A 4 0.15 -0.26 4.51
N LEU A 5 -0.72 -0.98 5.16
CA LEU A 5 -0.66 -2.46 5.24
C LEU A 5 -0.99 -3.07 3.85
N CYS A 6 -0.16 -3.97 3.40
CA CYS A 6 -0.38 -4.63 2.08
C CYS A 6 -1.06 -6.02 2.26
N ASP A 7 -1.72 -6.47 1.23
CA ASP A 7 -2.44 -7.80 1.22
C ASP A 7 -1.49 -8.99 1.38
N SER A 8 -0.21 -8.73 1.38
CA SER A 8 0.81 -9.83 1.53
C SER A 8 1.47 -9.77 2.91
N ASP A 9 0.87 -8.99 3.77
CA ASP A 9 1.39 -8.82 5.16
C ASP A 9 0.59 -9.51 6.26
N GLY A 10 -0.40 -10.22 5.81
CA GLY A 10 -1.30 -10.97 6.73
C GLY A 10 -2.77 -10.55 6.55
N PRO A 11 -3.53 -10.47 7.62
CA PRO A 11 -4.99 -10.15 7.56
C PRO A 11 -5.25 -8.64 7.40
N SER A 12 -6.48 -8.27 7.17
CA SER A 12 -6.79 -6.82 7.01
C SER A 12 -7.09 -6.22 8.38
N VAL A 13 -6.26 -5.30 8.81
CA VAL A 13 -6.43 -4.64 10.14
C VAL A 13 -5.43 -3.49 10.19
N ARG A 14 -5.38 -2.77 11.28
CA ARG A 14 -4.44 -1.64 11.44
C ARG A 14 -3.80 -1.86 12.80
N GLY A 15 -2.50 -1.71 12.86
CA GLY A 15 -1.77 -1.92 14.15
C GLY A 15 -0.59 -2.85 13.89
N ASN A 16 -0.78 -3.67 12.88
CA ASN A 16 0.24 -4.67 12.45
C ASN A 16 1.49 -3.89 12.01
N THR A 17 1.37 -3.31 10.85
CA THR A 17 2.48 -2.51 10.26
C THR A 17 1.98 -2.00 8.91
N LEU A 18 2.85 -1.38 8.16
CA LEU A 18 2.47 -0.84 6.82
C LEU A 18 3.64 -0.92 5.84
N SER A 19 4.06 -2.15 5.70
CA SER A 19 5.19 -2.56 4.81
C SER A 19 5.18 -1.91 3.41
N GLY A 20 4.02 -1.66 2.85
CA GLY A 20 3.99 -1.04 1.51
C GLY A 20 4.24 0.48 1.55
N THR A 21 3.73 1.18 0.58
CA THR A 21 3.87 2.63 0.50
C THR A 21 2.59 2.98 -0.22
N LEU A 22 2.09 4.11 0.11
CA LEU A 22 0.83 4.58 -0.52
C LEU A 22 1.21 5.61 -1.52
N TRP A 23 0.56 5.51 -2.65
CA TRP A 23 0.84 6.46 -3.75
C TRP A 23 -0.39 7.35 -3.94
N LEU A 24 -0.06 8.62 -3.97
CA LEU A 24 -1.08 9.70 -4.16
C LEU A 24 -1.27 9.95 -5.64
N TYR A 25 -0.35 9.39 -6.35
CA TYR A 25 -0.37 9.50 -7.84
C TYR A 25 -1.70 8.89 -8.31
N PRO A 26 -2.26 9.40 -9.38
CA PRO A 26 -3.67 9.12 -9.75
C PRO A 26 -3.96 7.66 -10.05
N SER A 27 -2.90 6.92 -10.19
CA SER A 27 -3.03 5.46 -10.49
C SER A 27 -2.29 4.62 -9.45
N GLY A 28 -1.93 5.26 -8.38
CA GLY A 28 -1.21 4.55 -7.31
C GLY A 28 0.19 4.19 -7.66
N CYS A 29 0.38 2.91 -7.59
CA CYS A 29 1.70 2.33 -7.89
C CYS A 29 2.36 2.88 -9.18
N PRO A 30 3.52 3.46 -9.04
CA PRO A 30 4.33 3.92 -10.17
C PRO A 30 5.04 2.71 -10.78
N SER A 31 5.83 3.01 -11.77
CA SER A 31 6.60 1.99 -12.47
C SER A 31 7.85 1.90 -11.64
N GLY A 32 8.23 0.68 -11.47
CA GLY A 32 9.43 0.32 -10.69
C GLY A 32 8.97 -0.07 -9.29
N TRP A 33 7.69 -0.27 -9.16
CA TRP A 33 7.09 -0.68 -7.88
C TRP A 33 6.46 -2.01 -8.19
N HIS A 34 5.53 -2.44 -7.40
CA HIS A 34 4.88 -3.74 -7.64
C HIS A 34 3.38 -3.56 -7.52
N ASN A 35 2.73 -4.35 -6.71
CA ASN A 35 1.27 -4.21 -6.55
C ASN A 35 0.82 -5.13 -5.42
N CYS A 36 0.03 -4.60 -4.53
CA CYS A 36 -0.45 -5.46 -3.38
C CYS A 36 -1.89 -5.13 -3.04
N LYS A 37 -2.10 -3.90 -2.71
CA LYS A 37 -3.45 -3.43 -2.34
C LYS A 37 -4.21 -2.98 -3.57
N ALA A 38 -4.36 -3.96 -4.42
CA ALA A 38 -5.09 -3.75 -5.70
C ALA A 38 -6.61 -3.56 -5.41
N HIS A 39 -6.92 -3.13 -4.22
CA HIS A 39 -8.32 -2.89 -3.77
C HIS A 39 -8.45 -1.46 -3.25
N GLY A 40 -7.77 -1.20 -2.17
CA GLY A 40 -7.80 0.14 -1.57
C GLY A 40 -6.75 0.23 -0.46
N PRO A 41 -6.68 1.36 0.21
CA PRO A 41 -7.82 2.31 0.47
C PRO A 41 -8.21 3.11 -0.77
N THR A 42 -9.23 3.93 -0.67
CA THR A 42 -9.64 4.74 -1.86
C THR A 42 -9.06 6.15 -1.79
N ILE A 43 -8.47 6.47 -0.67
CA ILE A 43 -7.86 7.82 -0.49
C ILE A 43 -6.38 7.60 -0.82
N GLY A 44 -6.14 7.55 -2.10
CA GLY A 44 -4.74 7.32 -2.60
C GLY A 44 -4.72 5.81 -2.87
N TRP A 45 -3.62 5.26 -3.28
CA TRP A 45 -3.56 3.80 -3.55
C TRP A 45 -2.49 3.22 -2.65
N CYS A 46 -2.52 1.93 -2.43
CA CYS A 46 -1.49 1.31 -1.57
C CYS A 46 -0.77 0.28 -2.43
N CYS A 47 0.52 0.33 -2.37
CA CYS A 47 1.30 -0.63 -3.18
C CYS A 47 2.60 -0.85 -2.44
N LYS A 48 3.52 -1.48 -3.10
CA LYS A 48 4.83 -1.73 -2.46
C LYS A 48 5.74 -1.78 -3.65
N GLN A 49 7.02 -1.71 -3.42
CA GLN A 49 7.92 -1.76 -4.53
C GLN A 49 8.01 -3.19 -5.08
N GLY A 1 7.06 8.64 1.36
CA GLY A 1 5.66 8.34 0.93
C GLY A 1 4.94 7.89 2.19
N VAL A 2 3.66 7.63 2.14
CA VAL A 2 3.00 7.18 3.40
C VAL A 2 3.20 5.69 3.30
N SER A 3 3.60 5.07 4.35
CA SER A 3 3.82 3.61 4.31
C SER A 3 2.43 2.99 4.44
N CYS A 4 2.28 1.79 3.94
CA CYS A 4 0.96 1.10 4.01
C CYS A 4 1.18 -0.41 3.85
N LEU A 5 0.54 -1.18 4.70
CA LEU A 5 0.67 -2.65 4.63
C LEU A 5 0.10 -3.25 3.33
N CYS A 6 0.24 -4.55 3.25
CA CYS A 6 -0.26 -5.32 2.07
C CYS A 6 -1.59 -6.04 2.33
N ASP A 7 -2.09 -6.77 1.37
CA ASP A 7 -3.39 -7.47 1.59
C ASP A 7 -3.27 -8.55 2.66
N SER A 8 -2.22 -9.29 2.48
CA SER A 8 -1.86 -10.43 3.38
C SER A 8 -1.42 -9.95 4.77
N ASP A 9 -1.42 -8.67 4.96
CA ASP A 9 -1.00 -8.11 6.27
C ASP A 9 -2.20 -7.99 7.22
N GLY A 10 -1.97 -7.29 8.30
CA GLY A 10 -3.04 -7.10 9.30
C GLY A 10 -3.93 -5.89 8.96
N PRO A 11 -4.86 -5.57 9.83
CA PRO A 11 -5.90 -4.56 9.54
C PRO A 11 -5.28 -3.18 9.29
N SER A 12 -5.96 -2.36 8.54
CA SER A 12 -5.41 -1.01 8.25
C SER A 12 -5.78 0.06 9.27
N VAL A 13 -4.86 0.16 10.16
CA VAL A 13 -4.86 1.10 11.32
C VAL A 13 -3.37 1.22 11.64
N ARG A 14 -2.96 2.26 12.32
CA ARG A 14 -1.51 2.36 12.60
C ARG A 14 -1.16 1.30 13.67
N GLY A 15 0.05 1.28 14.15
CA GLY A 15 0.42 0.26 15.19
C GLY A 15 0.74 -1.07 14.50
N ASN A 16 -0.04 -1.41 13.50
CA ASN A 16 0.16 -2.68 12.76
C ASN A 16 1.29 -2.57 11.69
N THR A 17 1.24 -3.35 10.63
CA THR A 17 2.28 -3.32 9.57
C THR A 17 2.10 -2.20 8.53
N LEU A 18 3.20 -1.86 7.91
CA LEU A 18 3.21 -0.80 6.86
C LEU A 18 4.35 -1.05 5.85
N SER A 19 4.50 -2.28 5.45
CA SER A 19 5.59 -2.66 4.47
C SER A 19 5.52 -2.03 3.08
N GLY A 20 4.34 -1.71 2.67
CA GLY A 20 4.13 -1.11 1.36
C GLY A 20 4.14 0.39 1.54
N THR A 21 3.68 1.10 0.56
CA THR A 21 3.64 2.55 0.63
C THR A 21 2.45 2.90 -0.24
N LEU A 22 1.82 3.94 0.15
CA LEU A 22 0.64 4.45 -0.57
C LEU A 22 1.12 5.59 -1.42
N TRP A 23 0.60 5.55 -2.60
CA TRP A 23 0.92 6.55 -3.63
C TRP A 23 -0.36 7.34 -3.86
N LEU A 24 -0.19 8.63 -3.78
CA LEU A 24 -1.33 9.59 -3.97
C LEU A 24 -1.44 9.91 -5.46
N TYR A 25 -0.43 9.46 -6.14
CA TYR A 25 -0.31 9.65 -7.61
C TYR A 25 -1.54 9.04 -8.26
N PRO A 26 -2.01 9.63 -9.34
CA PRO A 26 -3.38 9.33 -9.85
C PRO A 26 -3.56 7.89 -10.34
N SER A 27 -2.45 7.22 -10.41
CA SER A 27 -2.42 5.80 -10.87
C SER A 27 -1.73 4.92 -9.82
N GLY A 28 -1.60 5.48 -8.66
CA GLY A 28 -0.95 4.77 -7.55
C GLY A 28 0.49 4.44 -7.74
N CYS A 29 0.67 3.15 -7.72
CA CYS A 29 2.00 2.52 -7.88
C CYS A 29 2.85 3.08 -9.05
N PRO A 30 3.92 3.77 -8.73
CA PRO A 30 4.83 4.40 -9.69
C PRO A 30 5.74 3.32 -10.32
N SER A 31 5.90 3.44 -11.60
CA SER A 31 6.74 2.49 -12.37
C SER A 31 8.08 2.35 -11.66
N GLY A 32 8.18 1.18 -11.10
CA GLY A 32 9.35 0.73 -10.32
C GLY A 32 8.80 0.09 -9.04
N TRP A 33 7.48 0.04 -8.95
CA TRP A 33 6.77 -0.54 -7.80
C TRP A 33 5.99 -1.74 -8.32
N HIS A 34 4.96 -2.13 -7.64
CA HIS A 34 4.15 -3.30 -8.09
C HIS A 34 2.68 -3.19 -7.66
N ASN A 35 2.26 -4.02 -6.75
CA ASN A 35 0.84 -3.95 -6.28
C ASN A 35 0.69 -4.84 -5.05
N CYS A 36 -0.18 -4.45 -4.16
CA CYS A 36 -0.40 -5.26 -2.91
C CYS A 36 -1.84 -5.08 -2.44
N LYS A 37 -2.19 -3.87 -2.08
CA LYS A 37 -3.57 -3.59 -1.62
C LYS A 37 -4.41 -3.26 -2.85
N ALA A 38 -4.46 -4.19 -3.75
CA ALA A 38 -5.25 -4.00 -5.02
C ALA A 38 -6.77 -3.78 -4.85
N HIS A 39 -7.17 -3.43 -3.65
CA HIS A 39 -8.60 -3.18 -3.32
C HIS A 39 -8.83 -1.84 -2.60
N GLY A 40 -7.92 -1.44 -1.75
CA GLY A 40 -8.09 -0.15 -1.04
C GLY A 40 -6.77 0.48 -0.61
N PRO A 41 -6.79 1.71 -0.11
CA PRO A 41 -8.00 2.53 0.16
C PRO A 41 -8.70 3.09 -1.09
N THR A 42 -9.81 3.74 -0.89
CA THR A 42 -10.58 4.31 -2.04
C THR A 42 -10.21 5.78 -2.30
N ILE A 43 -9.07 6.22 -1.82
CA ILE A 43 -8.66 7.64 -2.06
C ILE A 43 -7.22 7.78 -2.61
N GLY A 44 -6.34 6.96 -2.09
CA GLY A 44 -4.89 6.94 -2.52
C GLY A 44 -4.67 5.46 -2.84
N TRP A 45 -3.60 5.10 -3.51
CA TRP A 45 -3.42 3.65 -3.82
C TRP A 45 -2.39 3.02 -2.85
N CYS A 46 -2.67 1.88 -2.25
CA CYS A 46 -1.66 1.27 -1.32
C CYS A 46 -0.92 0.17 -2.08
N CYS A 47 0.33 0.41 -2.33
CA CYS A 47 1.18 -0.56 -3.08
C CYS A 47 2.47 -0.92 -2.35
N LYS A 48 3.36 -1.56 -3.07
CA LYS A 48 4.66 -1.99 -2.47
C LYS A 48 5.64 -2.02 -3.61
N GLN A 49 6.90 -2.06 -3.30
CA GLN A 49 7.95 -2.11 -4.30
C GLN A 49 8.33 -3.61 -4.39
N GLY A 1 5.23 11.24 1.85
CA GLY A 1 4.69 9.93 1.39
C GLY A 1 4.04 9.27 2.62
N VAL A 2 3.51 8.08 2.47
CA VAL A 2 2.85 7.38 3.62
C VAL A 2 3.03 5.86 3.42
N SER A 3 3.22 5.15 4.51
CA SER A 3 3.40 3.67 4.43
C SER A 3 2.00 3.04 4.38
N CYS A 4 1.94 1.76 4.15
CA CYS A 4 0.63 1.03 4.09
C CYS A 4 0.92 -0.44 4.42
N LEU A 5 -0.09 -1.20 4.72
CA LEU A 5 0.07 -2.64 5.05
C LEU A 5 -0.43 -3.40 3.83
N CYS A 6 0.31 -4.34 3.28
CA CYS A 6 -0.27 -5.02 2.08
C CYS A 6 -1.13 -6.18 2.60
N ASP A 7 -2.04 -6.61 1.77
CA ASP A 7 -2.97 -7.74 2.15
C ASP A 7 -2.30 -9.09 2.37
N SER A 8 -1.04 -9.08 2.03
CA SER A 8 -0.17 -10.28 2.17
C SER A 8 0.89 -10.00 3.26
N ASP A 9 0.78 -8.87 3.93
CA ASP A 9 1.74 -8.48 5.01
C ASP A 9 1.14 -8.77 6.41
N GLY A 10 0.26 -9.74 6.46
CA GLY A 10 -0.39 -10.13 7.75
C GLY A 10 -1.85 -10.58 7.55
N PRO A 11 -2.46 -11.12 8.59
CA PRO A 11 -3.94 -11.23 8.69
C PRO A 11 -4.57 -9.88 9.02
N SER A 12 -5.86 -9.86 9.23
CA SER A 12 -6.54 -8.58 9.57
C SER A 12 -6.54 -8.35 11.09
N VAL A 13 -6.68 -7.10 11.45
CA VAL A 13 -6.72 -6.56 12.86
C VAL A 13 -5.29 -6.11 13.21
N ARG A 14 -5.20 -5.06 13.98
CA ARG A 14 -3.88 -4.52 14.41
C ARG A 14 -2.97 -5.60 15.02
N GLY A 15 -1.69 -5.36 14.93
CA GLY A 15 -0.66 -6.32 15.48
C GLY A 15 0.38 -6.45 14.38
N ASN A 16 -0.13 -6.25 13.19
CA ASN A 16 0.67 -6.32 11.94
C ASN A 16 1.56 -5.07 11.87
N THR A 17 2.32 -5.04 10.81
CA THR A 17 3.23 -3.92 10.52
C THR A 17 2.74 -3.34 9.18
N LEU A 18 3.44 -2.40 8.64
CA LEU A 18 3.00 -1.81 7.34
C LEU A 18 4.22 -1.36 6.54
N SER A 19 4.80 -2.30 5.86
CA SER A 19 6.01 -2.03 5.04
C SER A 19 5.69 -1.54 3.62
N GLY A 20 4.42 -1.38 3.32
CA GLY A 20 4.01 -0.92 1.99
C GLY A 20 4.03 0.61 2.01
N THR A 21 3.63 1.20 0.93
CA THR A 21 3.60 2.65 0.81
C THR A 21 2.46 2.92 -0.12
N LEU A 22 1.86 4.00 0.20
CA LEU A 22 0.69 4.52 -0.54
C LEU A 22 1.14 5.61 -1.48
N TRP A 23 0.63 5.46 -2.66
CA TRP A 23 0.92 6.39 -3.78
C TRP A 23 -0.35 7.18 -4.05
N LEU A 24 -0.16 8.47 -4.09
CA LEU A 24 -1.30 9.42 -4.33
C LEU A 24 -1.46 9.61 -5.83
N TYR A 25 -0.50 9.05 -6.50
CA TYR A 25 -0.46 9.10 -7.98
C TYR A 25 -1.77 8.47 -8.48
N PRO A 26 -2.26 8.91 -9.61
CA PRO A 26 -3.68 8.65 -9.99
C PRO A 26 -4.02 7.17 -10.16
N SER A 27 -2.97 6.41 -10.26
CA SER A 27 -3.09 4.93 -10.45
C SER A 27 -2.39 4.16 -9.35
N GLY A 28 -1.96 4.90 -8.37
CA GLY A 28 -1.26 4.28 -7.23
C GLY A 28 0.16 3.93 -7.50
N CYS A 29 0.38 2.66 -7.38
CA CYS A 29 1.71 2.09 -7.60
C CYS A 29 2.39 2.61 -8.88
N PRO A 30 3.47 3.31 -8.71
CA PRO A 30 4.26 3.80 -9.84
C PRO A 30 5.12 2.74 -10.53
N SER A 31 5.69 3.23 -11.57
CA SER A 31 6.57 2.43 -12.42
C SER A 31 7.91 2.43 -11.71
N GLY A 32 8.16 1.29 -11.18
CA GLY A 32 9.40 1.02 -10.41
C GLY A 32 8.93 0.44 -9.09
N TRP A 33 7.63 0.24 -8.97
CA TRP A 33 7.06 -0.34 -7.74
C TRP A 33 6.38 -1.62 -8.20
N HIS A 34 5.47 -2.13 -7.42
CA HIS A 34 4.78 -3.37 -7.81
C HIS A 34 3.27 -3.27 -7.62
N ASN A 35 2.72 -4.09 -6.75
CA ASN A 35 1.25 -4.05 -6.50
C ASN A 35 0.84 -5.02 -5.40
N CYS A 36 0.10 -4.53 -4.42
CA CYS A 36 -0.32 -5.45 -3.30
C CYS A 36 -1.65 -5.13 -2.62
N LYS A 37 -2.43 -4.22 -3.15
CA LYS A 37 -3.74 -3.85 -2.52
C LYS A 37 -4.81 -3.76 -3.62
N ALA A 38 -5.48 -4.85 -3.84
CA ALA A 38 -6.55 -4.95 -4.90
C ALA A 38 -7.86 -4.24 -4.50
N HIS A 39 -7.71 -3.10 -3.87
CA HIS A 39 -8.91 -2.32 -3.43
C HIS A 39 -8.76 -0.80 -3.59
N GLY A 40 -7.56 -0.28 -3.55
CA GLY A 40 -7.35 1.18 -3.69
C GLY A 40 -6.22 1.64 -2.75
N PRO A 41 -6.55 2.34 -1.69
CA PRO A 41 -7.93 2.81 -1.36
C PRO A 41 -8.51 3.96 -2.21
N THR A 42 -9.67 4.42 -1.80
CA THR A 42 -10.37 5.53 -2.52
C THR A 42 -9.88 6.91 -2.03
N ILE A 43 -8.72 6.92 -1.43
CA ILE A 43 -8.12 8.20 -0.91
C ILE A 43 -6.60 8.21 -1.19
N GLY A 44 -6.25 7.45 -2.17
CA GLY A 44 -4.84 7.30 -2.63
C GLY A 44 -4.67 5.79 -2.78
N TRP A 45 -3.63 5.31 -3.39
CA TRP A 45 -3.51 3.82 -3.53
C TRP A 45 -2.43 3.27 -2.60
N CYS A 46 -2.51 2.00 -2.32
CA CYS A 46 -1.55 1.31 -1.42
C CYS A 46 -0.79 0.24 -2.22
N CYS A 47 0.51 0.30 -2.16
CA CYS A 47 1.35 -0.68 -2.89
C CYS A 47 2.70 -0.91 -2.20
N LYS A 48 3.62 -1.48 -2.94
CA LYS A 48 4.97 -1.75 -2.38
C LYS A 48 5.84 -1.68 -3.64
N GLN A 49 7.12 -1.54 -3.43
CA GLN A 49 8.07 -1.45 -4.53
C GLN A 49 8.20 -2.76 -5.36
N GLY A 1 8.49 9.19 3.76
CA GLY A 1 7.33 8.75 2.93
C GLY A 1 6.33 8.14 3.90
N VAL A 2 5.27 7.56 3.40
CA VAL A 2 4.25 6.93 4.30
C VAL A 2 4.08 5.50 3.79
N SER A 3 4.11 4.59 4.70
CA SER A 3 3.96 3.16 4.34
C SER A 3 2.45 2.82 4.39
N CYS A 4 2.09 1.64 3.94
CA CYS A 4 0.65 1.22 3.94
C CYS A 4 0.57 -0.28 4.21
N LEU A 5 -0.61 -0.70 4.61
CA LEU A 5 -0.87 -2.11 4.92
C LEU A 5 -1.19 -2.79 3.60
N CYS A 6 -0.51 -3.85 3.28
CA CYS A 6 -0.81 -4.54 1.99
C CYS A 6 -1.91 -5.55 2.32
N ASP A 7 -2.33 -6.31 1.34
CA ASP A 7 -3.41 -7.30 1.63
C ASP A 7 -2.92 -8.22 2.75
N SER A 8 -1.64 -8.42 2.71
CA SER A 8 -0.95 -9.27 3.72
C SER A 8 -1.07 -8.59 5.09
N ASP A 9 -1.09 -7.28 5.10
CA ASP A 9 -1.21 -6.56 6.40
C ASP A 9 -2.71 -6.40 6.63
N GLY A 10 -3.28 -7.52 6.96
CA GLY A 10 -4.73 -7.62 7.23
C GLY A 10 -4.94 -7.83 8.74
N PRO A 11 -4.59 -9.00 9.22
CA PRO A 11 -4.71 -9.31 10.68
C PRO A 11 -3.60 -8.66 11.54
N SER A 12 -3.92 -8.38 12.76
CA SER A 12 -2.95 -7.75 13.69
C SER A 12 -2.19 -8.86 14.39
N VAL A 13 -0.95 -8.95 14.02
CA VAL A 13 -0.02 -9.99 14.57
C VAL A 13 1.24 -9.28 15.11
N ARG A 14 1.78 -9.74 16.20
CA ARG A 14 3.02 -9.08 16.74
C ARG A 14 4.10 -9.26 15.69
N GLY A 15 4.64 -8.17 15.22
CA GLY A 15 5.71 -8.23 14.18
C GLY A 15 5.15 -7.60 12.91
N ASN A 16 3.85 -7.62 12.84
CA ASN A 16 3.16 -7.04 11.65
C ASN A 16 3.36 -5.52 11.68
N THR A 17 3.05 -4.91 10.58
CA THR A 17 3.17 -3.44 10.40
C THR A 17 2.51 -3.20 9.04
N LEU A 18 2.91 -2.14 8.44
CA LEU A 18 2.40 -1.72 7.10
C LEU A 18 3.67 -1.68 6.24
N SER A 19 3.91 -2.79 5.60
CA SER A 19 5.13 -2.91 4.71
C SER A 19 4.98 -2.20 3.36
N GLY A 20 3.77 -1.89 2.98
CA GLY A 20 3.50 -1.21 1.70
C GLY A 20 3.82 0.28 1.77
N THR A 21 3.42 1.01 0.78
CA THR A 21 3.64 2.45 0.69
C THR A 21 2.46 2.89 -0.12
N LEU A 22 2.03 4.06 0.19
CA LEU A 22 0.87 4.65 -0.52
C LEU A 22 1.36 5.71 -1.48
N TRP A 23 0.67 5.76 -2.58
CA TRP A 23 0.96 6.71 -3.67
C TRP A 23 -0.28 7.58 -3.85
N LEU A 24 -0.03 8.85 -4.02
CA LEU A 24 -1.11 9.88 -4.20
C LEU A 24 -1.42 9.99 -5.68
N TYR A 25 -0.50 9.43 -6.40
CA TYR A 25 -0.54 9.38 -7.88
C TYR A 25 -1.84 8.71 -8.33
N PRO A 26 -2.46 9.23 -9.35
CA PRO A 26 -3.87 8.88 -9.68
C PRO A 26 -4.03 7.43 -10.11
N SER A 27 -2.92 6.78 -10.24
CA SER A 27 -2.89 5.35 -10.66
C SER A 27 -2.08 4.51 -9.67
N GLY A 28 -1.96 5.04 -8.49
CA GLY A 28 -1.21 4.35 -7.41
C GLY A 28 0.21 4.03 -7.71
N CYS A 29 0.41 2.77 -7.81
CA CYS A 29 1.75 2.23 -8.09
C CYS A 29 2.44 2.91 -9.30
N PRO A 30 3.54 3.59 -9.05
CA PRO A 30 4.36 4.19 -10.09
C PRO A 30 5.25 3.11 -10.71
N SER A 31 5.54 3.33 -11.95
CA SER A 31 6.39 2.39 -12.71
C SER A 31 7.72 2.37 -11.98
N GLY A 32 7.89 1.23 -11.38
CA GLY A 32 9.10 0.90 -10.58
C GLY A 32 8.59 0.19 -9.31
N TRP A 33 7.28 0.13 -9.18
CA TRP A 33 6.64 -0.53 -8.02
C TRP A 33 5.88 -1.74 -8.59
N HIS A 34 4.94 -2.22 -7.82
CA HIS A 34 4.11 -3.39 -8.18
C HIS A 34 2.59 -3.22 -7.88
N ASN A 35 2.27 -3.61 -6.69
CA ASN A 35 0.89 -3.56 -6.11
C ASN A 35 1.01 -4.19 -4.72
N CYS A 36 0.10 -3.86 -3.83
CA CYS A 36 0.16 -4.44 -2.45
C CYS A 36 -1.26 -4.53 -1.86
N LYS A 37 -2.03 -3.49 -2.05
CA LYS A 37 -3.42 -3.48 -1.54
C LYS A 37 -4.33 -3.81 -2.71
N ALA A 38 -4.81 -5.02 -2.70
CA ALA A 38 -5.72 -5.54 -3.78
C ALA A 38 -7.09 -4.82 -3.85
N HIS A 39 -7.16 -3.62 -3.34
CA HIS A 39 -8.43 -2.84 -3.36
C HIS A 39 -8.31 -1.38 -3.76
N GLY A 40 -7.12 -0.82 -3.75
CA GLY A 40 -6.97 0.61 -4.13
C GLY A 40 -6.02 1.35 -3.19
N PRO A 41 -6.50 1.87 -2.09
CA PRO A 41 -7.95 1.92 -1.72
C PRO A 41 -8.61 3.20 -2.26
N THR A 42 -9.77 3.50 -1.74
CA THR A 42 -10.54 4.71 -2.14
C THR A 42 -9.93 6.02 -1.58
N ILE A 43 -8.66 5.97 -1.28
CA ILE A 43 -7.91 7.13 -0.72
C ILE A 43 -6.49 6.92 -1.30
N GLY A 44 -6.17 7.65 -2.35
CA GLY A 44 -4.81 7.50 -2.98
C GLY A 44 -4.70 6.01 -3.31
N TRP A 45 -3.53 5.45 -3.30
CA TRP A 45 -3.43 3.99 -3.61
C TRP A 45 -2.34 3.39 -2.72
N CYS A 46 -2.47 2.14 -2.44
CA CYS A 46 -1.52 1.38 -1.59
C CYS A 46 -0.80 0.32 -2.43
N CYS A 47 0.48 0.49 -2.54
CA CYS A 47 1.32 -0.45 -3.33
C CYS A 47 2.65 -0.71 -2.59
N LYS A 48 3.57 -1.34 -3.28
CA LYS A 48 4.91 -1.64 -2.68
C LYS A 48 5.92 -1.68 -3.81
N GLN A 49 7.13 -1.36 -3.45
CA GLN A 49 8.28 -1.31 -4.30
C GLN A 49 8.99 -2.63 -4.00
N GLY A 1 6.55 9.88 1.95
CA GLY A 1 5.27 9.21 1.54
C GLY A 1 4.78 8.46 2.79
N VAL A 2 3.69 7.76 2.69
CA VAL A 2 3.15 7.00 3.86
C VAL A 2 2.98 5.55 3.39
N SER A 3 2.82 4.67 4.34
CA SER A 3 2.66 3.22 4.02
C SER A 3 1.35 2.61 4.47
N CYS A 4 1.17 1.38 4.09
CA CYS A 4 -0.09 0.64 4.45
C CYS A 4 0.14 -0.86 4.65
N LEU A 5 -0.87 -1.49 5.19
CA LEU A 5 -0.88 -2.95 5.46
C LEU A 5 -1.20 -3.69 4.15
N CYS A 6 -0.23 -4.31 3.55
CA CYS A 6 -0.52 -5.03 2.28
C CYS A 6 -0.94 -6.48 2.51
N ASP A 7 -1.54 -7.02 1.49
CA ASP A 7 -2.05 -8.43 1.52
C ASP A 7 -0.98 -9.54 1.62
N SER A 8 0.16 -9.16 2.08
CA SER A 8 1.30 -10.11 2.25
C SER A 8 2.17 -9.71 3.45
N ASP A 9 1.61 -8.92 4.32
CA ASP A 9 2.37 -8.48 5.53
C ASP A 9 2.13 -9.52 6.65
N GLY A 10 2.09 -9.01 7.85
CA GLY A 10 1.86 -9.81 9.07
C GLY A 10 1.59 -8.78 10.17
N PRO A 11 0.87 -9.14 11.20
CA PRO A 11 0.47 -8.18 12.29
C PRO A 11 1.57 -7.89 13.33
N SER A 12 1.68 -6.66 13.78
CA SER A 12 2.72 -6.31 14.80
C SER A 12 2.12 -5.16 15.62
N VAL A 13 2.92 -4.48 16.40
CA VAL A 13 2.36 -3.36 17.21
C VAL A 13 1.90 -2.17 16.34
N ARG A 14 1.32 -1.19 16.99
CA ARG A 14 0.84 0.01 16.24
C ARG A 14 2.08 0.82 15.88
N GLY A 15 1.89 1.79 15.02
CA GLY A 15 3.07 2.63 14.61
C GLY A 15 4.05 1.72 13.85
N ASN A 16 3.49 0.61 13.42
CA ASN A 16 4.18 -0.46 12.66
C ASN A 16 3.01 -1.28 12.07
N THR A 17 3.31 -2.33 11.36
CA THR A 17 2.29 -3.22 10.70
C THR A 17 1.75 -2.66 9.35
N LEU A 18 2.69 -2.17 8.59
CA LEU A 18 2.41 -1.59 7.24
C LEU A 18 3.67 -1.81 6.37
N SER A 19 3.57 -2.67 5.39
CA SER A 19 4.75 -2.94 4.53
C SER A 19 4.68 -2.30 3.14
N GLY A 20 3.57 -1.71 2.82
CA GLY A 20 3.44 -1.07 1.49
C GLY A 20 3.85 0.41 1.58
N THR A 21 3.49 1.16 0.58
CA THR A 21 3.77 2.59 0.48
C THR A 21 2.57 3.00 -0.35
N LEU A 22 2.07 4.13 -0.04
CA LEU A 22 0.89 4.67 -0.75
C LEU A 22 1.37 5.76 -1.68
N TRP A 23 0.72 5.78 -2.80
CA TRP A 23 0.99 6.75 -3.87
C TRP A 23 -0.25 7.61 -4.07
N LEU A 24 0.00 8.88 -4.19
CA LEU A 24 -1.10 9.90 -4.38
C LEU A 24 -1.37 10.05 -5.88
N TYR A 25 -0.37 9.57 -6.57
CA TYR A 25 -0.38 9.60 -8.06
C TYR A 25 -1.68 8.97 -8.57
N PRO A 26 -2.28 9.55 -9.58
CA PRO A 26 -3.68 9.20 -9.95
C PRO A 26 -3.81 7.78 -10.47
N SER A 27 -2.69 7.18 -10.70
CA SER A 27 -2.65 5.78 -11.20
C SER A 27 -1.93 4.91 -10.18
N GLY A 28 -1.84 5.45 -9.02
CA GLY A 28 -1.18 4.77 -7.90
C GLY A 28 0.26 4.42 -8.06
N CYS A 29 0.44 3.13 -7.99
CA CYS A 29 1.77 2.51 -8.10
C CYS A 29 2.58 2.98 -9.33
N PRO A 30 3.67 3.66 -9.06
CA PRO A 30 4.55 4.18 -10.11
C PRO A 30 5.47 3.06 -10.63
N SER A 31 5.42 2.94 -11.92
CA SER A 31 6.20 1.95 -12.70
C SER A 31 7.60 1.98 -12.13
N GLY A 32 7.85 0.93 -11.43
CA GLY A 32 9.13 0.67 -10.72
C GLY A 32 8.70 0.08 -9.38
N TRP A 33 7.41 0.09 -9.16
CA TRP A 33 6.74 -0.42 -7.96
C TRP A 33 5.99 -1.64 -8.48
N HIS A 34 5.07 -2.10 -7.70
CA HIS A 34 4.27 -3.27 -8.08
C HIS A 34 2.82 -3.07 -7.69
N ASN A 35 2.38 -3.81 -6.72
CA ASN A 35 0.99 -3.74 -6.19
C ASN A 35 1.05 -4.45 -4.86
N CYS A 36 0.18 -4.10 -3.94
CA CYS A 36 0.22 -4.79 -2.60
C CYS A 36 -1.19 -4.84 -1.97
N LYS A 37 -1.91 -3.80 -2.26
CA LYS A 37 -3.29 -3.62 -1.79
C LYS A 37 -4.12 -3.62 -3.06
N ALA A 38 -4.79 -4.72 -3.26
CA ALA A 38 -5.66 -4.87 -4.47
C ALA A 38 -6.99 -4.12 -4.24
N HIS A 39 -7.06 -3.46 -3.11
CA HIS A 39 -8.28 -2.70 -2.74
C HIS A 39 -8.00 -1.20 -2.62
N GLY A 40 -8.10 -0.65 -1.43
CA GLY A 40 -7.86 0.81 -1.24
C GLY A 40 -6.55 1.21 -0.55
N PRO A 41 -6.55 2.37 0.07
CA PRO A 41 -7.74 3.22 0.38
C PRO A 41 -8.39 3.77 -0.90
N THR A 42 -9.57 4.31 -0.80
CA THR A 42 -10.23 4.88 -2.03
C THR A 42 -9.52 6.17 -2.45
N ILE A 43 -8.90 6.80 -1.50
CA ILE A 43 -8.17 8.07 -1.72
C ILE A 43 -6.67 7.72 -1.74
N GLY A 44 -6.08 7.75 -2.92
CA GLY A 44 -4.62 7.42 -3.07
C GLY A 44 -4.56 5.92 -3.37
N TRP A 45 -3.40 5.36 -3.49
CA TRP A 45 -3.32 3.88 -3.79
C TRP A 45 -2.25 3.22 -2.91
N CYS A 46 -2.53 2.09 -2.32
CA CYS A 46 -1.49 1.43 -1.47
C CYS A 46 -0.81 0.38 -2.34
N CYS A 47 0.47 0.40 -2.32
CA CYS A 47 1.26 -0.56 -3.13
C CYS A 47 2.57 -0.85 -2.41
N LYS A 48 3.49 -1.45 -3.09
CA LYS A 48 4.80 -1.76 -2.45
C LYS A 48 5.74 -1.77 -3.63
N GLN A 49 7.02 -1.70 -3.39
CA GLN A 49 7.92 -1.72 -4.51
C GLN A 49 8.12 -3.22 -4.90
N GLY A 1 6.31 11.12 2.95
CA GLY A 1 5.97 9.82 2.30
C GLY A 1 5.30 8.99 3.39
N VAL A 2 4.56 7.97 3.03
CA VAL A 2 3.88 7.14 4.07
C VAL A 2 3.70 5.68 3.59
N SER A 3 4.09 4.83 4.49
CA SER A 3 4.00 3.36 4.26
C SER A 3 2.55 2.87 4.33
N CYS A 4 2.33 1.63 3.95
CA CYS A 4 0.96 1.01 3.96
C CYS A 4 1.11 -0.53 3.98
N LEU A 5 0.25 -1.20 4.68
CA LEU A 5 0.32 -2.68 4.76
C LEU A 5 -0.15 -3.25 3.44
N CYS A 6 0.08 -4.52 3.26
CA CYS A 6 -0.34 -5.21 2.00
C CYS A 6 -1.58 -6.07 2.32
N ASP A 7 -2.16 -6.70 1.33
CA ASP A 7 -3.38 -7.54 1.63
C ASP A 7 -3.02 -8.84 2.34
N SER A 8 -1.75 -9.12 2.35
CA SER A 8 -1.25 -10.36 3.01
C SER A 8 -0.89 -9.97 4.44
N ASP A 9 -0.98 -8.71 4.75
CA ASP A 9 -0.64 -8.25 6.13
C ASP A 9 -1.90 -8.30 6.98
N GLY A 10 -2.02 -9.38 7.69
CA GLY A 10 -3.18 -9.59 8.59
C GLY A 10 -2.66 -9.45 10.03
N PRO A 11 -2.37 -8.25 10.48
CA PRO A 11 -1.80 -8.03 11.83
C PRO A 11 -2.79 -8.32 12.98
N SER A 12 -2.26 -8.20 14.16
CA SER A 12 -3.05 -8.43 15.40
C SER A 12 -3.71 -7.14 15.89
N VAL A 13 -4.57 -7.27 16.89
CA VAL A 13 -5.25 -6.06 17.41
C VAL A 13 -4.22 -5.26 18.23
N ARG A 14 -3.49 -4.50 17.45
CA ARG A 14 -2.38 -3.58 17.86
C ARG A 14 -1.13 -4.29 17.32
N GLY A 15 -0.20 -3.47 16.90
CA GLY A 15 1.06 -4.01 16.34
C GLY A 15 0.88 -4.09 14.83
N ASN A 16 0.15 -3.14 14.30
CA ASN A 16 -0.11 -3.10 12.82
C ASN A 16 1.19 -3.01 12.04
N THR A 17 1.23 -3.72 10.95
CA THR A 17 2.45 -3.70 10.11
C THR A 17 2.05 -2.98 8.83
N LEU A 18 3.00 -2.29 8.26
CA LEU A 18 2.75 -1.53 7.01
C LEU A 18 4.04 -1.42 6.16
N SER A 19 4.41 -2.55 5.61
CA SER A 19 5.64 -2.65 4.76
C SER A 19 5.54 -1.96 3.39
N GLY A 20 4.36 -1.84 2.86
CA GLY A 20 4.16 -1.20 1.54
C GLY A 20 4.17 0.32 1.67
N THR A 21 3.62 1.01 0.72
CA THR A 21 3.56 2.47 0.73
C THR A 21 2.32 2.79 -0.06
N LEU A 22 1.80 3.91 0.26
CA LEU A 22 0.56 4.39 -0.43
C LEU A 22 1.00 5.42 -1.46
N TRP A 23 0.24 5.47 -2.50
CA TRP A 23 0.50 6.41 -3.60
C TRP A 23 -0.77 7.20 -3.87
N LEU A 24 -0.54 8.48 -3.88
CA LEU A 24 -1.59 9.50 -4.11
C LEU A 24 -1.71 9.76 -5.62
N TYR A 25 -0.73 9.22 -6.29
CA TYR A 25 -0.67 9.35 -7.77
C TYR A 25 -1.92 8.65 -8.32
N PRO A 26 -2.42 9.10 -9.44
CA PRO A 26 -3.79 8.75 -9.89
C PRO A 26 -3.99 7.28 -10.17
N SER A 27 -2.89 6.61 -10.26
CA SER A 27 -2.91 5.13 -10.54
C SER A 27 -2.13 4.37 -9.48
N GLY A 28 -1.85 5.08 -8.44
CA GLY A 28 -1.09 4.49 -7.32
C GLY A 28 0.34 4.19 -7.66
N CYS A 29 0.56 2.92 -7.62
CA CYS A 29 1.86 2.32 -7.90
C CYS A 29 2.58 2.94 -9.13
N PRO A 30 3.62 3.71 -8.88
CA PRO A 30 4.44 4.27 -9.95
C PRO A 30 5.32 3.15 -10.49
N SER A 31 5.20 2.98 -11.77
CA SER A 31 5.94 1.97 -12.55
C SER A 31 7.36 2.00 -11.99
N GLY A 32 7.62 0.94 -11.30
CA GLY A 32 8.93 0.72 -10.62
C GLY A 32 8.57 0.18 -9.23
N TRP A 33 7.27 0.15 -8.99
CA TRP A 33 6.64 -0.32 -7.76
C TRP A 33 5.84 -1.53 -8.29
N HIS A 34 5.37 -2.30 -7.36
CA HIS A 34 4.58 -3.53 -7.58
C HIS A 34 3.04 -3.46 -7.58
N ASN A 35 2.56 -3.51 -6.37
CA ASN A 35 1.13 -3.47 -5.94
C ASN A 35 1.11 -4.21 -4.60
N CYS A 36 0.17 -3.89 -3.74
CA CYS A 36 0.07 -4.56 -2.40
C CYS A 36 -1.39 -4.61 -1.90
N LYS A 37 -2.16 -3.63 -2.25
CA LYS A 37 -3.59 -3.57 -1.84
C LYS A 37 -4.39 -3.39 -3.15
N ALA A 38 -4.74 -4.50 -3.74
CA ALA A 38 -5.52 -4.51 -5.03
C ALA A 38 -6.99 -4.08 -4.83
N HIS A 39 -7.21 -3.17 -3.93
CA HIS A 39 -8.61 -2.70 -3.67
C HIS A 39 -8.69 -1.18 -3.49
N GLY A 40 -7.60 -0.56 -3.15
CA GLY A 40 -7.62 0.92 -2.96
C GLY A 40 -6.47 1.28 -2.03
N PRO A 41 -6.71 2.05 -0.99
CA PRO A 41 -8.02 2.70 -0.71
C PRO A 41 -8.47 3.69 -1.80
N THR A 42 -9.61 4.26 -1.56
CA THR A 42 -10.21 5.24 -2.50
C THR A 42 -9.58 6.62 -2.41
N ILE A 43 -8.77 6.82 -1.40
CA ILE A 43 -8.09 8.16 -1.24
C ILE A 43 -6.68 8.10 -1.84
N GLY A 44 -6.14 6.92 -1.87
CA GLY A 44 -4.77 6.70 -2.41
C GLY A 44 -4.66 5.21 -2.64
N TRP A 45 -3.81 4.78 -3.53
CA TRP A 45 -3.67 3.32 -3.80
C TRP A 45 -2.55 2.77 -2.91
N CYS A 46 -2.69 1.61 -2.35
CA CYS A 46 -1.60 1.06 -1.48
C CYS A 46 -0.77 0.00 -2.29
N CYS A 47 0.50 0.31 -2.47
CA CYS A 47 1.43 -0.59 -3.24
C CYS A 47 2.71 -0.83 -2.42
N LYS A 48 3.73 -1.33 -3.07
CA LYS A 48 5.04 -1.60 -2.41
C LYS A 48 6.05 -1.45 -3.53
N GLN A 49 7.25 -1.08 -3.17
CA GLN A 49 8.30 -0.91 -4.16
C GLN A 49 8.62 -2.29 -4.76
N GLY A 1 4.92 8.98 -0.24
CA GLY A 1 3.50 8.87 0.26
C GLY A 1 3.60 8.33 1.67
N VAL A 2 2.50 8.04 2.30
CA VAL A 2 2.56 7.49 3.68
C VAL A 2 2.63 5.98 3.42
N SER A 3 3.15 5.26 4.36
CA SER A 3 3.23 3.79 4.15
C SER A 3 1.81 3.22 4.20
N CYS A 4 1.70 1.99 3.78
CA CYS A 4 0.37 1.31 3.77
C CYS A 4 0.57 -0.22 3.71
N LEU A 5 0.06 -0.91 4.71
CA LEU A 5 0.18 -2.39 4.75
C LEU A 5 -0.45 -3.03 3.52
N CYS A 6 -0.12 -4.27 3.33
CA CYS A 6 -0.61 -5.10 2.18
C CYS A 6 -1.75 -6.06 2.52
N ASP A 7 -2.50 -6.47 1.53
CA ASP A 7 -3.65 -7.42 1.77
C ASP A 7 -3.25 -8.89 2.07
N SER A 8 -2.10 -8.97 2.67
CA SER A 8 -1.46 -10.25 3.10
C SER A 8 -1.05 -10.10 4.58
N ASP A 9 -1.08 -8.88 5.08
CA ASP A 9 -0.70 -8.60 6.50
C ASP A 9 -1.87 -8.48 7.46
N GLY A 10 -1.50 -8.21 8.68
CA GLY A 10 -2.49 -8.05 9.80
C GLY A 10 -2.84 -6.59 10.11
N PRO A 11 -3.64 -6.39 11.13
CA PRO A 11 -4.10 -5.05 11.58
C PRO A 11 -3.00 -4.30 12.37
N SER A 12 -3.20 -3.02 12.58
CA SER A 12 -2.19 -2.24 13.33
C SER A 12 -2.50 -2.26 14.83
N VAL A 13 -1.89 -3.20 15.45
CA VAL A 13 -2.06 -3.40 16.93
C VAL A 13 -0.64 -3.49 17.54
N ARG A 14 0.27 -2.95 16.79
CA ARG A 14 1.74 -2.87 17.10
C ARG A 14 2.32 -4.25 16.84
N GLY A 15 3.63 -4.31 16.72
CA GLY A 15 4.29 -5.63 16.45
C GLY A 15 4.31 -5.70 14.93
N ASN A 16 3.16 -5.42 14.36
CA ASN A 16 2.96 -5.43 12.89
C ASN A 16 3.90 -4.38 12.27
N THR A 17 4.07 -4.40 10.98
CA THR A 17 4.99 -3.43 10.35
C THR A 17 4.31 -2.84 9.10
N LEU A 18 5.11 -2.18 8.31
CA LEU A 18 4.74 -1.52 7.05
C LEU A 18 5.38 -2.28 5.87
N SER A 19 4.63 -3.11 5.21
CA SER A 19 5.19 -3.87 4.04
C SER A 19 4.91 -3.16 2.70
N GLY A 20 4.13 -2.12 2.76
CA GLY A 20 3.75 -1.33 1.56
C GLY A 20 3.70 0.18 1.82
N THR A 21 3.27 0.92 0.85
CA THR A 21 3.16 2.38 0.90
C THR A 21 2.02 2.72 -0.04
N LEU A 22 1.47 3.83 0.26
CA LEU A 22 0.33 4.38 -0.53
C LEU A 22 0.86 5.51 -1.40
N TRP A 23 0.31 5.51 -2.58
CA TRP A 23 0.65 6.51 -3.61
C TRP A 23 -0.53 7.43 -3.88
N LEU A 24 -0.15 8.68 -3.91
CA LEU A 24 -1.08 9.82 -4.14
C LEU A 24 -1.17 10.08 -5.64
N TYR A 25 -0.21 9.54 -6.31
CA TYR A 25 -0.13 9.67 -7.79
C TYR A 25 -1.41 9.06 -8.38
N PRO A 26 -1.93 9.65 -9.42
CA PRO A 26 -3.32 9.36 -9.88
C PRO A 26 -3.49 7.94 -10.41
N SER A 27 -2.39 7.29 -10.57
CA SER A 27 -2.39 5.88 -11.08
C SER A 27 -1.81 4.95 -10.02
N GLY A 28 -1.68 5.51 -8.84
CA GLY A 28 -1.15 4.75 -7.71
C GLY A 28 0.30 4.36 -7.79
N CYS A 29 0.42 3.07 -7.82
CA CYS A 29 1.74 2.42 -7.88
C CYS A 29 2.62 2.96 -9.03
N PRO A 30 3.69 3.63 -8.68
CA PRO A 30 4.59 4.26 -9.65
C PRO A 30 5.55 3.23 -10.24
N SER A 31 5.71 3.40 -11.50
CA SER A 31 6.58 2.55 -12.35
C SER A 31 7.95 2.32 -11.70
N GLY A 32 8.00 1.17 -11.11
CA GLY A 32 9.18 0.67 -10.38
C GLY A 32 8.63 -0.02 -9.13
N TRP A 33 7.32 0.03 -8.97
CA TRP A 33 6.66 -0.59 -7.80
C TRP A 33 5.89 -1.82 -8.32
N HIS A 34 4.86 -2.21 -7.64
CA HIS A 34 4.03 -3.38 -8.01
C HIS A 34 2.58 -3.19 -7.54
N ASN A 35 2.26 -3.83 -6.46
CA ASN A 35 0.89 -3.74 -5.85
C ASN A 35 0.98 -4.39 -4.48
N CYS A 36 0.09 -4.07 -3.60
CA CYS A 36 0.14 -4.72 -2.24
C CYS A 36 -1.27 -4.79 -1.69
N LYS A 37 -2.01 -3.73 -1.94
CA LYS A 37 -3.40 -3.70 -1.47
C LYS A 37 -4.22 -4.03 -2.71
N ALA A 38 -4.88 -5.15 -2.66
CA ALA A 38 -5.73 -5.63 -3.79
C ALA A 38 -7.06 -4.87 -3.84
N HIS A 39 -7.18 -3.83 -3.06
CA HIS A 39 -8.45 -3.04 -3.05
C HIS A 39 -8.22 -1.52 -3.15
N GLY A 40 -8.79 -0.77 -2.23
CA GLY A 40 -8.61 0.71 -2.24
C GLY A 40 -7.35 1.12 -1.46
N PRO A 41 -7.38 2.25 -0.79
CA PRO A 41 -8.59 3.11 -0.56
C PRO A 41 -9.03 3.84 -1.85
N THR A 42 -10.04 4.67 -1.76
CA THR A 42 -10.48 5.40 -2.99
C THR A 42 -9.72 6.74 -3.06
N ILE A 43 -9.00 7.01 -2.00
CA ILE A 43 -8.21 8.26 -1.89
C ILE A 43 -6.77 7.75 -1.82
N GLY A 44 -6.14 7.75 -2.95
CA GLY A 44 -4.72 7.26 -3.04
C GLY A 44 -4.77 5.74 -3.23
N TRP A 45 -3.73 5.17 -3.77
CA TRP A 45 -3.69 3.69 -3.99
C TRP A 45 -2.66 3.10 -3.01
N CYS A 46 -2.76 1.83 -2.68
CA CYS A 46 -1.79 1.22 -1.74
C CYS A 46 -1.00 0.12 -2.47
N CYS A 47 0.28 0.34 -2.51
CA CYS A 47 1.21 -0.62 -3.18
C CYS A 47 2.46 -0.91 -2.34
N LYS A 48 3.45 -1.46 -3.00
CA LYS A 48 4.75 -1.81 -2.35
C LYS A 48 5.77 -1.70 -3.48
N GLN A 49 6.98 -1.35 -3.13
CA GLN A 49 8.06 -1.19 -4.07
C GLN A 49 8.79 -2.54 -4.32
#